data_1XWD
#
_entry.id   1XWD
#
_cell.length_a   121.330
_cell.length_b   66.938
_cell.length_c   148.629
_cell.angle_alpha   90.00
_cell.angle_beta   99.13
_cell.angle_gamma   90.00
#
_symmetry.space_group_name_H-M   'C 1 2 1'
#
loop_
_entity.id
_entity.type
_entity.pdbx_description
1 polymer 'Glycoprotein hormones alpha chain'
2 polymer 'Follitropin beta chain'
3 polymer 'Follicle stimulating hormone receptor'
4 branched 2-acetamido-2-deoxy-beta-D-glucopyranose-(1-4)-2-acetamido-2-deoxy-beta-D-glucopyranose
5 branched beta-D-mannopyranose-(1-4)-2-acetamido-2-deoxy-beta-D-glucopyranose-(1-4)-2-acetamido-2-deoxy-beta-D-glucopyranose
6 non-polymer 2-acetamido-2-deoxy-beta-D-glucopyranose
7 non-polymer 'SULFATE ION'
8 water water
#
loop_
_entity_poly.entity_id
_entity_poly.type
_entity_poly.pdbx_seq_one_letter_code
_entity_poly.pdbx_strand_id
1 'polypeptide(L)'
;APDVQDCPECTLQENPFFSQPGAPILQCMGCCFSRAYPTPLRSKKTMLVQKNVTSESTCCVAKSYNRVTVMGGFKVENHT
ACHCSTCYYHKS
;
A,D
2 'polypeptide(L)'
;NSCELTNITIAIEKEECRFCISINTTWCAGYCYTRDLVYKDPARPKIQKTCTFKELVYETVRVPGCAHHADSLYTYPVAT
QCHCGKCDSDSTDCTVRGLGPSYCSFGEMKE
;
B,E
3 'polypeptide(L)'
;GCHHRICHCSNRVFLCQESKVTEIPSDLPRNAIELRFVLTKLRVIQKGAFSGFGDLEKIEISQNDVLEVIEADVFSNLPK
LHEIRIEKANNLLYINPEAFQNLPNLQYLLISNTGIKHLPDVHKIHSLQKVLLDIQDNINIHTIERNSFVGLSFESVILW
LNKNGIQEIHNCAFNGTQLDELNLSDNNNLEELPNDVFHGASGPVILDISRTRIHSLPSYGLENLKKLRARSTYNLKKLP
TLEKLVALMEAS
;
C,F
#
# COMPACT_ATOMS: atom_id res chain seq x y z
N ASP A 3 -41.15 -10.18 22.16
CA ASP A 3 -42.02 -10.52 21.01
C ASP A 3 -42.54 -9.25 20.32
N VAL A 4 -43.67 -9.40 19.66
CA VAL A 4 -44.30 -8.26 19.00
C VAL A 4 -45.04 -7.39 20.03
N GLN A 5 -44.27 -6.68 20.86
CA GLN A 5 -44.78 -5.51 21.56
C GLN A 5 -44.93 -4.51 20.43
N ASP A 6 -45.64 -3.39 20.60
CA ASP A 6 -45.91 -2.69 19.35
C ASP A 6 -45.01 -1.54 18.88
N CYS A 7 -44.63 -1.72 17.62
CA CYS A 7 -43.76 -0.86 16.85
C CYS A 7 -44.10 -1.09 15.38
N PRO A 8 -44.89 -0.18 14.79
CA PRO A 8 -45.35 -0.31 13.40
C PRO A 8 -44.23 -0.42 12.38
N GLU A 9 -44.42 -1.30 11.39
CA GLU A 9 -43.43 -1.52 10.35
C GLU A 9 -43.15 -0.27 9.51
N CYS A 10 -41.91 -0.14 9.05
CA CYS A 10 -41.49 0.95 8.16
C CYS A 10 -42.33 0.95 6.90
N THR A 11 -43.01 2.07 6.65
CA THR A 11 -43.85 2.25 5.45
C THR A 11 -44.09 3.72 5.12
N LEU A 12 -44.79 3.94 3.99
CA LEU A 12 -45.21 5.28 3.57
C LEU A 12 -46.41 5.70 4.39
N GLN A 13 -46.41 6.97 4.78
CA GLN A 13 -47.51 7.57 5.50
C GLN A 13 -47.66 8.96 4.94
N GLU A 14 -48.82 9.57 5.15
CA GLU A 14 -48.96 10.94 4.70
C GLU A 14 -48.53 11.95 5.76
N ASN A 15 -47.82 12.97 5.31
CA ASN A 15 -47.34 14.04 6.18
C ASN A 15 -48.48 14.99 6.49
N PRO A 16 -48.89 15.09 7.76
CA PRO A 16 -50.04 15.92 8.12
C PRO A 16 -49.84 17.40 7.83
N PHE A 17 -48.60 17.86 7.89
CA PHE A 17 -48.33 19.29 7.75
C PHE A 17 -48.22 19.77 6.31
N PHE A 18 -47.82 18.90 5.39
CA PHE A 18 -47.69 19.32 4.00
C PHE A 18 -48.74 18.69 3.07
N SER A 19 -49.53 17.75 3.61
CA SER A 19 -50.62 17.14 2.84
C SER A 19 -51.82 18.09 2.62
N GLN A 20 -52.49 17.92 1.48
CA GLN A 20 -53.73 18.62 1.11
C GLN A 20 -54.74 17.63 0.53
N PRO A 21 -56.04 17.92 0.66
CA PRO A 21 -57.05 17.03 0.07
C PRO A 21 -56.85 16.95 -1.45
N GLY A 22 -56.83 15.73 -1.96
CA GLY A 22 -56.58 15.49 -3.38
C GLY A 22 -55.10 15.34 -3.73
N ALA A 23 -54.22 15.92 -2.93
CA ALA A 23 -52.77 15.87 -3.21
C ALA A 23 -51.91 15.72 -1.95
N PRO A 24 -51.78 14.48 -1.45
CA PRO A 24 -50.97 14.24 -0.27
C PRO A 24 -49.49 14.07 -0.62
N ILE A 25 -48.59 14.45 0.30
CA ILE A 25 -47.19 14.07 0.20
C ILE A 25 -46.90 13.01 1.27
N LEU A 26 -46.12 12.00 0.89
CA LEU A 26 -45.89 10.85 1.78
C LEU A 26 -44.50 10.80 2.40
N GLN A 27 -44.40 10.06 3.49
CA GLN A 27 -43.17 10.04 4.28
C GLN A 27 -42.89 8.67 4.89
N CYS A 28 -41.62 8.27 4.86
CA CYS A 28 -41.16 7.02 5.47
C CYS A 28 -40.95 7.15 6.98
N MET A 29 -41.77 6.44 7.74
CA MET A 29 -41.60 6.35 9.17
C MET A 29 -42.00 4.96 9.57
N GLY A 30 -41.50 4.51 10.72
CA GLY A 30 -41.77 3.16 11.19
C GLY A 30 -40.62 2.52 11.93
N CYS A 31 -40.65 1.20 12.00
CA CYS A 31 -39.73 0.48 12.87
C CYS A 31 -38.88 -0.51 12.15
N CYS A 32 -37.57 -0.43 12.42
CA CYS A 32 -36.58 -1.33 11.86
C CYS A 32 -35.91 -2.14 12.94
N PHE A 33 -35.27 -3.24 12.56
CA PHE A 33 -34.57 -4.06 13.53
C PHE A 33 -33.16 -3.57 13.77
N SER A 34 -32.69 -3.71 15.01
CA SER A 34 -31.31 -3.35 15.36
C SER A 34 -30.93 -4.15 16.59
N ARG A 35 -29.63 -4.11 16.95
CA ARG A 35 -29.13 -4.88 18.10
C ARG A 35 -27.69 -4.60 18.51
N ALA A 36 -27.39 -4.85 19.77
CA ALA A 36 -26.04 -4.65 20.28
C ALA A 36 -25.55 -5.93 20.92
N TYR A 37 -24.23 -6.13 20.92
CA TYR A 37 -23.60 -7.34 21.43
C TYR A 37 -22.07 -7.20 21.53
N PRO A 38 -21.45 -8.01 22.38
CA PRO A 38 -20.01 -7.96 22.60
C PRO A 38 -19.19 -8.09 21.32
N THR A 39 -18.26 -7.17 21.11
CA THR A 39 -17.40 -7.26 19.95
C THR A 39 -16.55 -8.54 19.90
N PRO A 40 -16.72 -9.30 18.83
CA PRO A 40 -15.92 -10.48 18.58
C PRO A 40 -14.45 -10.14 18.67
N LEU A 41 -13.71 -10.95 19.42
CA LEU A 41 -12.27 -10.78 19.53
C LEU A 41 -11.63 -10.57 18.19
N ARG A 42 -12.10 -11.31 17.19
CA ARG A 42 -11.53 -11.19 15.85
C ARG A 42 -11.69 -9.78 15.31
N SER A 43 -12.81 -9.13 15.64
CA SER A 43 -13.06 -7.80 15.15
C SER A 43 -12.07 -6.84 15.73
N LYS A 44 -11.84 -6.93 17.04
CA LYS A 44 -10.93 -6.00 17.71
C LYS A 44 -9.54 -5.90 17.05
N LYS A 45 -9.23 -6.87 16.20
CA LYS A 45 -7.96 -6.91 15.50
C LYS A 45 -7.98 -6.08 14.24
N THR A 46 -9.16 -5.74 13.77
CA THR A 46 -9.26 -4.93 12.57
C THR A 46 -9.32 -3.44 12.91
N MET A 47 -9.26 -3.12 14.21
CA MET A 47 -9.47 -1.74 14.66
C MET A 47 -8.38 -1.16 15.57
N LEU A 48 -7.86 0.01 15.16
CA LEU A 48 -6.88 0.77 15.95
C LEU A 48 -7.49 1.30 17.25
N VAL A 49 -8.81 1.52 17.23
CA VAL A 49 -9.55 2.01 18.41
C VAL A 49 -10.53 0.98 18.95
N GLN A 50 -10.23 0.46 20.14
CA GLN A 50 -10.90 -0.69 20.74
C GLN A 50 -12.31 -0.41 21.21
N LYS A 51 -13.30 -1.13 20.66
CA LYS A 51 -14.69 -1.01 21.12
C LYS A 51 -15.24 -2.35 21.64
N ASN A 52 -15.40 -2.46 22.96
CA ASN A 52 -15.91 -3.69 23.58
C ASN A 52 -17.33 -4.08 23.17
N VAL A 53 -18.08 -3.13 22.62
CA VAL A 53 -19.45 -3.40 22.17
C VAL A 53 -19.64 -3.07 20.68
N THR A 54 -20.41 -3.93 20.01
CA THR A 54 -20.77 -3.71 18.61
C THR A 54 -22.28 -3.58 18.47
N SER A 55 -22.67 -2.62 17.64
CA SER A 55 -24.07 -2.37 17.35
C SER A 55 -24.31 -2.39 15.87
N GLU A 56 -25.33 -3.15 15.45
CA GLU A 56 -25.81 -3.15 14.07
C GLU A 56 -27.19 -2.55 14.08
N SER A 57 -27.45 -1.67 13.12
CA SER A 57 -28.73 -0.99 13.08
C SER A 57 -29.12 -0.69 11.68
N THR A 58 -30.42 -0.63 11.48
CA THR A 58 -30.95 -0.27 10.20
C THR A 58 -31.97 0.85 10.43
N CYS A 59 -32.16 1.71 9.43
CA CYS A 59 -33.12 2.82 9.58
C CYS A 59 -34.17 2.90 8.50
N CYS A 60 -35.32 3.44 8.90
CA CYS A 60 -36.43 3.64 8.01
C CYS A 60 -36.15 4.84 7.13
N VAL A 61 -35.88 4.60 5.84
CA VAL A 61 -35.62 5.71 4.90
C VAL A 61 -36.25 5.50 3.52
N ALA A 62 -36.22 6.57 2.71
CA ALA A 62 -36.85 6.61 1.41
C ALA A 62 -36.00 6.00 0.31
N LYS A 63 -36.48 4.90 -0.27
CA LYS A 63 -35.78 4.16 -1.33
C LYS A 63 -35.86 4.92 -2.65
N SER A 64 -36.92 5.70 -2.83
CA SER A 64 -37.13 6.50 -4.05
C SER A 64 -38.09 7.64 -3.73
N TYR A 65 -37.86 8.81 -4.32
CA TYR A 65 -38.70 9.97 -4.05
C TYR A 65 -38.82 10.96 -5.21
N ASN A 66 -39.77 11.89 -5.09
CA ASN A 66 -39.96 12.99 -6.03
C ASN A 66 -39.91 14.30 -5.26
N ARG A 67 -39.24 15.31 -5.82
CA ARG A 67 -39.10 16.61 -5.15
C ARG A 67 -40.16 17.60 -5.65
N VAL A 68 -41.29 17.68 -4.96
CA VAL A 68 -42.35 18.61 -5.38
C VAL A 68 -42.45 19.86 -4.49
N THR A 69 -43.07 20.90 -5.04
CA THR A 69 -43.30 22.13 -4.30
C THR A 69 -44.76 22.26 -3.84
N VAL A 70 -44.92 22.75 -2.61
CA VAL A 70 -46.22 22.95 -1.99
C VAL A 70 -46.38 24.37 -1.45
N MET A 71 -47.63 24.75 -1.24
CA MET A 71 -48.08 26.05 -0.74
C MET A 71 -47.08 27.18 -0.51
N GLY A 72 -46.54 27.28 0.71
CA GLY A 72 -45.75 28.44 1.11
C GLY A 72 -44.39 28.62 0.46
N GLY A 73 -44.18 27.96 -0.67
CA GLY A 73 -42.94 28.07 -1.40
C GLY A 73 -41.83 27.23 -0.80
N PHE A 74 -42.20 26.16 -0.08
CA PHE A 74 -41.24 25.19 0.41
C PHE A 74 -41.13 24.05 -0.57
N LYS A 75 -39.89 23.64 -0.83
CA LYS A 75 -39.61 22.47 -1.63
C LYS A 75 -39.48 21.27 -0.68
N VAL A 76 -40.17 20.18 -1.01
CA VAL A 76 -40.16 18.99 -0.17
C VAL A 76 -40.05 17.70 -0.98
N GLU A 77 -39.71 16.60 -0.31
CA GLU A 77 -39.58 15.30 -0.95
C GLU A 77 -40.88 14.49 -0.78
N ASN A 78 -41.38 13.93 -1.88
CA ASN A 78 -42.57 13.07 -1.84
C ASN A 78 -42.11 11.63 -1.98
N HIS A 79 -41.96 10.93 -0.86
CA HIS A 79 -41.46 9.56 -0.86
C HIS A 79 -42.36 8.60 -1.61
N THR A 80 -41.77 7.75 -2.42
CA THR A 80 -42.53 6.76 -3.19
C THR A 80 -42.25 5.31 -2.75
N ALA A 81 -41.12 5.09 -2.09
CA ALA A 81 -40.76 3.77 -1.60
C ALA A 81 -39.93 3.86 -0.32
N CYS A 82 -40.24 3.00 0.64
CA CYS A 82 -39.52 2.92 1.90
C CYS A 82 -38.75 1.62 1.98
N HIS A 83 -37.77 1.61 2.87
CA HIS A 83 -37.09 0.38 3.28
C HIS A 83 -36.26 0.66 4.51
N CYS A 84 -35.96 -0.40 5.26
CA CYS A 84 -35.03 -0.28 6.36
C CYS A 84 -33.62 -0.43 5.78
N SER A 85 -32.81 0.61 5.92
CA SER A 85 -31.48 0.61 5.33
C SER A 85 -30.49 1.30 6.27
N THR A 86 -29.34 1.73 5.75
CA THR A 86 -28.25 2.27 6.58
C THR A 86 -28.68 3.50 7.36
N CYS A 87 -28.32 3.55 8.64
CA CYS A 87 -28.45 4.77 9.43
C CYS A 87 -27.21 5.62 9.22
N TYR A 88 -27.40 6.94 9.08
CA TYR A 88 -26.29 7.90 9.03
C TYR A 88 -26.29 8.91 10.21
N TYR A 89 -27.37 8.97 10.99
CA TYR A 89 -27.51 10.01 12.00
C TYR A 89 -27.93 9.45 13.35
N HIS A 90 -27.19 8.46 13.85
CA HIS A 90 -27.58 7.75 15.07
C HIS A 90 -26.44 7.67 16.07
N LYS A 91 -25.30 8.24 15.70
CA LYS A 91 -24.08 8.09 16.48
C LYS A 91 -23.93 9.08 17.61
N SER A 92 -23.00 8.75 18.51
CA SER A 92 -22.58 9.55 19.68
C SER A 92 -23.68 10.26 20.45
N CYS B 3 -37.66 -3.33 21.30
CA CYS B 3 -36.26 -3.30 21.78
C CYS B 3 -36.17 -3.62 23.28
N GLU B 4 -35.70 -4.82 23.62
CA GLU B 4 -35.60 -5.26 25.01
C GLU B 4 -34.39 -6.14 25.20
N LEU B 5 -34.05 -6.42 26.47
CA LEU B 5 -32.95 -7.33 26.78
C LEU B 5 -33.34 -8.72 26.33
N THR B 6 -32.43 -9.36 25.58
CA THR B 6 -32.66 -10.72 25.12
C THR B 6 -31.47 -11.61 25.48
N ASN B 7 -31.70 -12.91 25.56
CA ASN B 7 -30.61 -13.81 25.81
C ASN B 7 -29.97 -14.17 24.49
N ILE B 8 -28.65 -14.03 24.43
CA ILE B 8 -27.91 -14.40 23.24
C ILE B 8 -26.72 -15.27 23.63
N THR B 9 -26.10 -15.87 22.62
CA THR B 9 -24.92 -16.69 22.83
C THR B 9 -23.75 -16.01 22.15
N ILE B 10 -22.76 -15.59 22.92
CA ILE B 10 -21.58 -14.96 22.36
C ILE B 10 -20.44 -15.97 22.35
N ALA B 11 -19.52 -15.84 21.40
CA ALA B 11 -18.37 -16.73 21.35
C ALA B 11 -17.13 -15.99 21.81
N ILE B 12 -16.40 -16.62 22.72
CA ILE B 12 -15.17 -16.11 23.28
C ILE B 12 -14.06 -16.96 22.71
N GLU B 13 -13.08 -16.36 22.05
CA GLU B 13 -12.07 -17.21 21.43
C GLU B 13 -10.68 -17.06 21.97
N LYS B 14 -10.02 -18.21 22.13
CA LYS B 14 -8.64 -18.28 22.58
C LYS B 14 -7.76 -18.51 21.36
N GLU B 15 -6.95 -17.50 21.04
CA GLU B 15 -6.10 -17.50 19.88
C GLU B 15 -5.08 -18.63 19.93
N GLU B 16 -4.32 -18.69 21.01
CA GLU B 16 -3.28 -19.70 21.20
C GLU B 16 -3.82 -21.11 21.02
N CYS B 17 -5.02 -21.36 21.53
CA CYS B 17 -5.59 -22.70 21.52
C CYS B 17 -6.39 -23.08 20.27
N ARG B 18 -6.52 -22.14 19.33
CA ARG B 18 -7.28 -22.37 18.12
C ARG B 18 -8.73 -22.80 18.35
N PHE B 19 -9.38 -22.27 19.39
CA PHE B 19 -10.83 -22.47 19.57
C PHE B 19 -11.57 -21.33 20.27
N CYS B 20 -12.89 -21.44 20.27
CA CYS B 20 -13.77 -20.57 21.01
C CYS B 20 -14.60 -21.40 21.98
N ILE B 21 -15.05 -20.78 23.07
CA ILE B 21 -16.07 -21.42 23.90
C ILE B 21 -17.32 -20.54 23.77
N SER B 22 -18.49 -21.16 23.89
CA SER B 22 -19.76 -20.45 23.83
C SER B 22 -20.28 -20.10 25.21
N ILE B 23 -20.72 -18.86 25.38
CA ILE B 23 -21.28 -18.41 26.65
C ILE B 23 -22.63 -17.76 26.44
N ASN B 24 -23.61 -18.14 27.27
CA ASN B 24 -24.94 -17.51 27.29
C ASN B 24 -24.94 -16.25 28.12
N THR B 25 -25.37 -15.14 27.52
CA THR B 25 -25.43 -13.88 28.22
C THR B 25 -26.67 -13.08 27.81
N THR B 26 -26.73 -11.81 28.21
CA THR B 26 -27.91 -11.01 27.93
C THR B 26 -27.55 -9.72 27.22
N TRP B 27 -28.11 -9.52 26.02
CA TRP B 27 -27.92 -8.24 25.31
C TRP B 27 -29.19 -7.56 24.75
N CYS B 28 -29.01 -6.61 23.84
CA CYS B 28 -30.09 -5.81 23.26
C CYS B 28 -30.41 -6.28 21.87
N ALA B 29 -31.70 -6.23 21.53
CA ALA B 29 -32.21 -6.55 20.19
C ALA B 29 -33.67 -6.16 20.11
N GLY B 30 -34.14 -5.84 18.90
CA GLY B 30 -35.54 -5.47 18.69
C GLY B 30 -35.78 -4.27 17.79
N TYR B 31 -36.93 -3.62 17.98
CA TYR B 31 -37.34 -2.55 17.08
C TYR B 31 -37.31 -1.17 17.72
N CYS B 32 -37.09 -0.18 16.87
CA CYS B 32 -37.08 1.22 17.28
C CYS B 32 -37.69 2.05 16.16
N TYR B 33 -38.37 3.13 16.54
CA TYR B 33 -39.05 3.98 15.57
C TYR B 33 -38.05 4.97 14.97
N THR B 34 -38.23 5.27 13.68
CA THR B 34 -37.44 6.28 12.99
C THR B 34 -38.28 6.79 11.81
N ARG B 35 -38.10 8.05 11.47
CA ARG B 35 -38.73 8.62 10.30
C ARG B 35 -37.70 9.19 9.36
N ASP B 36 -38.09 9.44 8.11
CA ASP B 36 -37.18 10.08 7.19
C ASP B 36 -37.81 11.39 6.78
N LEU B 37 -37.17 12.48 7.17
CA LEU B 37 -37.69 13.83 6.91
C LEU B 37 -38.09 14.06 5.46
N VAL B 38 -39.06 14.97 5.26
CA VAL B 38 -39.51 15.38 3.94
C VAL B 38 -39.15 16.86 3.71
N TYR B 39 -39.02 17.60 4.81
CA TYR B 39 -38.53 18.97 4.80
C TYR B 39 -37.18 19.07 5.50
N LYS B 40 -36.25 19.75 4.85
CA LYS B 40 -34.90 19.91 5.37
C LYS B 40 -34.61 21.35 5.79
N ASP B 41 -34.40 21.51 7.09
CA ASP B 41 -33.91 22.76 7.67
C ASP B 41 -32.45 22.39 7.95
N PRO B 42 -31.49 22.93 7.16
CA PRO B 42 -30.06 22.55 7.35
C PRO B 42 -29.60 22.77 8.80
N ALA B 43 -30.38 23.56 9.54
CA ALA B 43 -30.13 23.86 10.95
C ALA B 43 -30.85 22.93 11.94
N ARG B 44 -31.85 22.18 11.47
CA ARG B 44 -32.56 21.20 12.29
C ARG B 44 -32.40 19.76 11.77
N PRO B 45 -31.16 19.33 11.45
CA PRO B 45 -30.93 17.97 10.97
C PRO B 45 -31.57 16.83 11.77
N LYS B 46 -31.59 15.70 11.08
CA LYS B 46 -32.28 14.51 11.47
C LYS B 46 -31.62 13.79 12.64
N ILE B 47 -32.42 12.95 13.29
CA ILE B 47 -31.94 12.08 14.34
C ILE B 47 -32.58 10.70 14.17
N GLN B 48 -31.77 9.66 14.38
CA GLN B 48 -32.20 8.29 14.27
C GLN B 48 -31.86 7.60 15.57
N LYS B 49 -32.62 6.62 15.97
CA LYS B 49 -32.32 5.91 17.21
C LYS B 49 -32.16 4.43 16.95
N THR B 50 -31.27 3.82 17.72
CA THR B 50 -31.01 2.42 17.53
C THR B 50 -31.22 1.68 18.84
N CYS B 51 -31.42 0.37 18.76
CA CYS B 51 -31.51 -0.44 19.94
C CYS B 51 -30.11 -0.65 20.44
N THR B 52 -29.88 -0.38 21.72
CA THR B 52 -28.56 -0.54 22.34
C THR B 52 -28.66 -0.39 23.86
N PHE B 53 -27.55 -0.60 24.54
CA PHE B 53 -27.57 -0.59 25.99
C PHE B 53 -27.69 0.80 26.56
N LYS B 54 -28.34 0.90 27.72
CA LYS B 54 -28.40 2.13 28.51
C LYS B 54 -27.41 1.99 29.66
N GLU B 55 -27.29 0.77 30.17
CA GLU B 55 -26.34 0.43 31.23
C GLU B 55 -25.83 -1.01 31.04
N LEU B 56 -24.57 -1.24 31.38
CA LEU B 56 -23.94 -2.54 31.22
C LEU B 56 -22.94 -2.85 32.35
N VAL B 57 -22.67 -4.13 32.58
CA VAL B 57 -21.68 -4.53 33.58
C VAL B 57 -20.69 -5.52 32.98
N TYR B 58 -19.56 -5.71 33.66
CA TYR B 58 -18.56 -6.66 33.20
C TYR B 58 -18.54 -7.89 34.09
N GLU B 59 -18.35 -9.05 33.48
CA GLU B 59 -18.27 -10.30 34.20
C GLU B 59 -17.12 -11.08 33.64
N THR B 60 -16.57 -11.98 34.44
CA THR B 60 -15.41 -12.71 34.01
C THR B 60 -15.76 -14.16 33.84
N VAL B 61 -14.96 -14.86 33.05
CA VAL B 61 -15.20 -16.26 32.81
C VAL B 61 -13.86 -16.97 32.60
N ARG B 62 -13.76 -18.19 33.11
CA ARG B 62 -12.57 -19.00 32.95
C ARG B 62 -12.62 -19.67 31.60
N VAL B 63 -11.49 -19.63 30.89
CA VAL B 63 -11.39 -20.13 29.51
C VAL B 63 -10.41 -21.28 29.48
N PRO B 64 -10.83 -22.44 28.95
CA PRO B 64 -10.00 -23.63 28.94
C PRO B 64 -8.67 -23.41 28.23
N GLY B 65 -7.63 -24.10 28.65
CA GLY B 65 -6.35 -24.05 27.98
C GLY B 65 -6.23 -25.16 26.96
N CYS B 66 -5.01 -25.60 26.71
CA CYS B 66 -4.69 -26.65 25.75
C CYS B 66 -3.21 -26.95 25.85
N ALA B 67 -2.71 -27.79 24.94
CA ALA B 67 -1.28 -28.07 24.73
C ALA B 67 -0.32 -27.38 25.69
N HIS B 68 0.08 -26.16 25.38
CA HIS B 68 1.13 -25.49 26.15
C HIS B 68 0.67 -24.17 26.68
N HIS B 69 -0.63 -24.07 26.93
CA HIS B 69 -1.23 -22.82 27.38
C HIS B 69 -2.26 -23.11 28.42
N ALA B 70 -2.04 -22.55 29.60
CA ALA B 70 -2.91 -22.76 30.72
C ALA B 70 -4.20 -21.96 30.55
N ASP B 71 -5.20 -22.35 31.33
CA ASP B 71 -6.47 -21.65 31.43
C ASP B 71 -6.21 -20.16 31.52
N SER B 72 -7.22 -19.37 31.18
CA SER B 72 -7.11 -17.94 31.27
C SER B 72 -8.44 -17.36 31.70
N LEU B 73 -8.45 -16.03 31.84
CA LEU B 73 -9.67 -15.30 32.14
C LEU B 73 -10.07 -14.35 31.01
N TYR B 74 -11.36 -14.11 30.87
CA TYR B 74 -11.85 -13.20 29.87
C TYR B 74 -12.97 -12.34 30.43
N THR B 75 -12.85 -11.03 30.25
CA THR B 75 -13.85 -10.08 30.75
C THR B 75 -14.71 -9.61 29.59
N TYR B 76 -16.03 -9.64 29.78
CA TYR B 76 -16.95 -9.32 28.70
C TYR B 76 -18.13 -8.47 29.16
N PRO B 77 -18.71 -7.70 28.24
CA PRO B 77 -19.84 -6.80 28.53
C PRO B 77 -21.18 -7.50 28.60
N VAL B 78 -21.99 -7.11 29.58
CA VAL B 78 -23.35 -7.63 29.73
C VAL B 78 -24.40 -6.50 29.86
N ALA B 79 -25.25 -6.35 28.84
CA ALA B 79 -26.35 -5.40 28.93
C ALA B 79 -27.16 -5.58 30.22
N THR B 80 -27.57 -4.47 30.83
CA THR B 80 -28.39 -4.53 32.05
C THR B 80 -29.72 -3.87 31.74
N GLN B 81 -29.71 -3.02 30.71
CA GLN B 81 -30.87 -2.23 30.37
C GLN B 81 -30.70 -1.72 28.95
N CYS B 82 -31.71 -1.92 28.11
CA CYS B 82 -31.65 -1.42 26.76
C CYS B 82 -32.52 -0.20 26.63
N HIS B 83 -32.39 0.46 25.48
CA HIS B 83 -33.25 1.55 25.09
C HIS B 83 -33.02 1.85 23.63
N CYS B 84 -33.93 2.61 23.05
CA CYS B 84 -33.75 3.15 21.73
C CYS B 84 -33.07 4.47 21.92
N GLY B 85 -31.79 4.53 21.56
CA GLY B 85 -31.04 5.75 21.75
C GLY B 85 -30.04 5.91 20.65
N LYS B 86 -29.03 6.73 20.89
CA LYS B 86 -27.91 6.84 19.99
C LYS B 86 -26.88 5.83 20.45
N CYS B 87 -26.25 5.16 19.50
CA CYS B 87 -25.14 4.30 19.87
C CYS B 87 -24.02 5.21 20.37
N ASP B 88 -23.40 4.84 21.48
CA ASP B 88 -22.38 5.66 22.07
C ASP B 88 -21.05 5.30 21.42
N SER B 89 -20.64 6.10 20.43
CA SER B 89 -19.46 5.79 19.63
C SER B 89 -18.12 5.77 20.36
N ASP B 90 -18.12 6.21 21.63
CA ASP B 90 -16.94 6.01 22.46
C ASP B 90 -16.74 4.52 22.78
N SER B 91 -17.82 3.86 23.18
CA SER B 91 -17.77 2.47 23.60
C SER B 91 -18.33 1.51 22.56
N THR B 92 -18.95 2.04 21.51
CA THR B 92 -19.64 1.17 20.57
C THR B 92 -19.17 1.33 19.14
N ASP B 93 -19.17 0.22 18.41
CA ASP B 93 -18.85 0.22 17.01
C ASP B 93 -20.18 0.24 16.31
N CYS B 94 -20.45 1.34 15.63
CA CYS B 94 -21.75 1.59 15.01
C CYS B 94 -21.76 1.26 13.53
N THR B 95 -21.91 -0.01 13.22
CA THR B 95 -21.98 -0.46 11.84
C THR B 95 -23.37 -0.87 11.40
N VAL B 96 -23.44 -1.31 10.15
CA VAL B 96 -24.63 -1.93 9.63
C VAL B 96 -24.59 -3.38 10.04
N ARG B 97 -23.44 -4.04 9.83
CA ARG B 97 -23.26 -5.45 10.19
C ARG B 97 -21.90 -5.70 10.82
N GLY B 98 -21.90 -6.47 11.90
CA GLY B 98 -20.64 -6.85 12.47
C GLY B 98 -20.41 -8.24 11.96
N LEU B 99 -19.53 -8.98 12.62
CA LEU B 99 -19.36 -10.38 12.34
C LEU B 99 -20.42 -11.23 13.06
N GLY B 100 -21.10 -10.67 14.06
CA GLY B 100 -22.10 -11.42 14.86
C GLY B 100 -21.56 -11.83 16.23
N PRO B 101 -22.43 -12.00 17.24
CA PRO B 101 -21.98 -12.38 18.57
C PRO B 101 -21.14 -13.63 18.54
N SER B 102 -21.71 -14.71 18.04
CA SER B 102 -21.11 -16.02 18.18
C SER B 102 -20.15 -16.32 17.06
N TYR B 103 -19.41 -15.30 16.63
CA TYR B 103 -18.42 -15.48 15.58
C TYR B 103 -17.17 -16.17 16.07
N CYS B 104 -16.66 -17.09 15.27
CA CYS B 104 -15.43 -17.80 15.63
C CYS B 104 -14.49 -18.00 14.45
N SER B 105 -13.21 -17.67 14.64
CA SER B 105 -12.22 -17.81 13.58
C SER B 105 -11.91 -19.26 13.23
N PHE B 106 -12.35 -20.20 14.07
CA PHE B 106 -12.02 -21.60 13.91
C PHE B 106 -13.29 -22.45 13.86
N GLY B 107 -13.30 -23.45 12.97
CA GLY B 107 -14.51 -24.23 12.71
C GLY B 107 -15.26 -23.74 11.47
N CYS C 2 -26.50 -18.93 -4.48
CA CYS C 2 -25.46 -18.83 -5.53
C CYS C 2 -24.03 -18.74 -4.96
N HIS C 3 -23.07 -19.24 -5.74
CA HIS C 3 -21.71 -19.39 -5.25
C HIS C 3 -20.64 -19.28 -6.35
N HIS C 4 -19.42 -18.99 -5.88
CA HIS C 4 -18.14 -19.02 -6.57
C HIS C 4 -17.32 -19.55 -5.41
N ARG C 5 -16.08 -20.00 -5.59
CA ARG C 5 -15.38 -20.55 -4.41
C ARG C 5 -15.31 -19.55 -3.25
N ILE C 6 -14.61 -18.44 -3.49
CA ILE C 6 -14.21 -17.48 -2.46
C ILE C 6 -15.24 -16.38 -2.21
N CYS C 7 -16.13 -16.14 -3.18
CA CYS C 7 -17.18 -15.13 -3.04
C CYS C 7 -18.54 -15.72 -3.35
N HIS C 8 -19.56 -15.19 -2.69
CA HIS C 8 -20.94 -15.56 -2.92
C HIS C 8 -21.57 -14.54 -3.83
N CYS C 9 -21.92 -14.99 -5.03
CA CYS C 9 -22.78 -14.19 -5.85
C CYS C 9 -24.19 -14.44 -5.32
N SER C 10 -24.60 -13.67 -4.32
CA SER C 10 -25.98 -13.73 -3.89
C SER C 10 -26.76 -12.94 -4.92
N ASN C 11 -27.91 -12.44 -4.53
CA ASN C 11 -28.78 -11.77 -5.47
C ASN C 11 -28.37 -10.32 -5.77
N ARG C 12 -27.38 -10.18 -6.66
CA ARG C 12 -26.82 -8.89 -7.07
C ARG C 12 -26.06 -8.19 -5.94
N VAL C 13 -25.90 -8.93 -4.84
CA VAL C 13 -25.24 -8.47 -3.61
C VAL C 13 -24.11 -9.44 -3.32
N PHE C 14 -22.87 -9.03 -3.58
CA PHE C 14 -21.71 -9.92 -3.49
C PHE C 14 -20.93 -9.78 -2.19
N LEU C 15 -20.55 -10.90 -1.60
CA LEU C 15 -19.82 -10.90 -0.35
C LEU C 15 -18.55 -11.74 -0.41
N CYS C 16 -17.41 -11.06 -0.31
CA CYS C 16 -16.16 -11.76 -0.19
C CYS C 16 -15.79 -11.72 1.27
N GLN C 17 -15.99 -12.82 1.98
CA GLN C 17 -15.69 -12.90 3.40
C GLN C 17 -14.67 -13.99 3.62
N GLU C 18 -13.77 -13.78 4.58
CA GLU C 18 -12.77 -14.79 4.87
C GLU C 18 -12.19 -15.20 3.56
N SER C 19 -11.48 -14.30 2.90
CA SER C 19 -11.16 -14.52 1.51
C SER C 19 -9.93 -15.37 1.22
N LYS C 20 -9.94 -15.87 -0.01
CA LYS C 20 -8.81 -16.51 -0.64
C LYS C 20 -8.30 -15.50 -1.68
N VAL C 21 -8.27 -14.22 -1.28
CA VAL C 21 -7.78 -13.21 -2.21
C VAL C 21 -6.80 -12.21 -1.63
N THR C 22 -5.91 -11.76 -2.50
CA THR C 22 -4.98 -10.68 -2.23
C THR C 22 -5.35 -9.51 -3.15
N GLU C 23 -6.14 -9.85 -4.15
CA GLU C 23 -6.68 -8.91 -5.12
C GLU C 23 -8.16 -9.17 -5.30
N ILE C 24 -8.90 -8.10 -5.60
CA ILE C 24 -10.30 -8.25 -5.92
C ILE C 24 -10.44 -9.04 -7.22
N PRO C 25 -11.24 -10.11 -7.22
CA PRO C 25 -11.41 -10.95 -8.42
C PRO C 25 -11.84 -10.11 -9.63
N SER C 26 -11.41 -10.53 -10.80
CA SER C 26 -11.80 -9.88 -12.05
C SER C 26 -13.14 -10.42 -12.54
N ASP C 27 -13.39 -11.70 -12.25
CA ASP C 27 -14.60 -12.38 -12.71
C ASP C 27 -15.85 -12.13 -11.85
N LEU C 28 -15.99 -10.93 -11.31
CA LEU C 28 -17.20 -10.59 -10.59
C LEU C 28 -18.25 -10.11 -11.60
N PRO C 29 -19.47 -10.63 -11.49
CA PRO C 29 -20.59 -10.26 -12.37
C PRO C 29 -20.77 -8.76 -12.48
N ARG C 30 -20.76 -8.27 -13.71
CA ARG C 30 -20.80 -6.83 -14.00
C ARG C 30 -22.08 -6.08 -13.61
N ASN C 31 -23.11 -6.82 -13.20
CA ASN C 31 -24.38 -6.21 -12.81
C ASN C 31 -24.66 -6.33 -11.29
N ALA C 32 -23.71 -5.91 -10.47
CA ALA C 32 -23.90 -5.97 -9.03
C ALA C 32 -24.38 -4.62 -8.50
N ILE C 33 -25.26 -4.67 -7.51
CA ILE C 33 -25.76 -3.49 -6.81
C ILE C 33 -24.91 -3.18 -5.57
N GLU C 34 -24.26 -4.21 -5.03
CA GLU C 34 -23.48 -4.10 -3.80
C GLU C 34 -22.33 -5.11 -3.73
N LEU C 35 -21.14 -4.62 -3.42
CA LEU C 35 -20.00 -5.48 -3.15
C LEU C 35 -19.55 -5.30 -1.71
N ARG C 36 -19.47 -6.40 -0.98
CA ARG C 36 -18.96 -6.35 0.38
C ARG C 36 -17.69 -7.15 0.45
N PHE C 37 -16.63 -6.53 0.94
CA PHE C 37 -15.42 -7.25 1.24
C PHE C 37 -15.19 -7.16 2.75
N VAL C 38 -15.31 -8.30 3.42
CA VAL C 38 -15.20 -8.42 4.87
C VAL C 38 -14.16 -9.47 5.24
N LEU C 39 -13.45 -9.26 6.35
CA LEU C 39 -12.49 -10.23 6.87
C LEU C 39 -11.57 -10.79 5.80
N THR C 40 -11.22 -9.97 4.84
CA THR C 40 -10.47 -10.41 3.68
C THR C 40 -8.98 -10.38 3.92
N LYS C 41 -8.26 -11.06 3.02
CA LYS C 41 -6.81 -11.07 3.02
C LYS C 41 -6.24 -10.13 1.95
N LEU C 42 -7.09 -9.27 1.40
CA LEU C 42 -6.69 -8.26 0.41
C LEU C 42 -5.61 -7.35 0.94
N ARG C 43 -4.55 -7.15 0.15
CA ARG C 43 -3.44 -6.27 0.54
C ARG C 43 -3.60 -4.98 -0.22
N VAL C 44 -4.12 -5.07 -1.44
CA VAL C 44 -4.30 -3.90 -2.29
C VAL C 44 -5.65 -3.97 -2.96
N ILE C 45 -6.23 -2.81 -3.23
CA ILE C 45 -7.38 -2.73 -4.13
C ILE C 45 -6.83 -2.06 -5.40
N GLN C 46 -6.58 -2.88 -6.42
CA GLN C 46 -5.96 -2.49 -7.70
C GLN C 46 -6.66 -1.37 -8.47
N LYS C 47 -5.99 -0.85 -9.50
CA LYS C 47 -6.54 0.19 -10.37
C LYS C 47 -7.66 -0.36 -11.23
N GLY C 48 -8.74 0.40 -11.35
CA GLY C 48 -9.92 -0.03 -12.11
C GLY C 48 -10.55 -1.29 -11.51
N ALA C 49 -10.43 -1.43 -10.20
CA ALA C 49 -10.97 -2.60 -9.52
C ALA C 49 -12.44 -2.67 -9.77
N PHE C 50 -13.12 -1.55 -9.57
CA PHE C 50 -14.56 -1.49 -9.77
C PHE C 50 -14.88 -0.87 -11.12
N SER C 51 -14.04 -1.21 -12.11
CA SER C 51 -14.22 -0.76 -13.47
C SER C 51 -15.22 -1.66 -14.19
N GLY C 52 -16.27 -1.04 -14.71
CA GLY C 52 -17.26 -1.74 -15.49
C GLY C 52 -18.57 -2.05 -14.78
N PHE C 53 -18.78 -1.45 -13.62
CA PHE C 53 -20.02 -1.65 -12.85
C PHE C 53 -20.91 -0.42 -12.91
N GLY C 54 -21.76 -0.37 -13.95
CA GLY C 54 -22.69 0.74 -14.15
C GLY C 54 -23.95 0.59 -13.32
N ASP C 55 -23.96 -0.41 -12.45
CA ASP C 55 -25.11 -0.69 -11.58
C ASP C 55 -24.74 -0.68 -10.09
N LEU C 56 -23.48 -0.41 -9.77
CA LEU C 56 -22.98 -0.50 -8.40
C LEU C 56 -23.49 0.66 -7.55
N GLU C 57 -24.02 0.35 -6.38
CA GLU C 57 -24.63 1.37 -5.54
C GLU C 57 -23.90 1.58 -4.22
N LYS C 58 -23.39 0.49 -3.64
CA LYS C 58 -22.60 0.54 -2.41
C LYS C 58 -21.39 -0.36 -2.50
N ILE C 59 -20.27 0.09 -1.92
CA ILE C 59 -19.08 -0.73 -1.73
C ILE C 59 -18.69 -0.68 -0.25
N GLU C 60 -18.82 -1.81 0.44
CA GLU C 60 -18.42 -1.93 1.84
C GLU C 60 -17.08 -2.66 1.86
N ILE C 61 -16.05 -2.00 2.38
CA ILE C 61 -14.76 -2.65 2.66
C ILE C 61 -14.53 -2.62 4.18
N SER C 62 -14.82 -3.73 4.84
CA SER C 62 -14.88 -3.76 6.29
C SER C 62 -14.09 -4.88 6.98
N GLN C 63 -13.37 -4.53 8.02
CA GLN C 63 -12.58 -5.47 8.81
C GLN C 63 -11.51 -6.24 8.02
N ASN C 64 -10.74 -5.50 7.22
CA ASN C 64 -9.67 -6.05 6.41
C ASN C 64 -8.27 -5.83 7.01
N ASP C 65 -7.80 -6.84 7.73
CA ASP C 65 -6.55 -6.80 8.50
C ASP C 65 -5.30 -6.34 7.83
N VAL C 66 -5.13 -6.70 6.57
CA VAL C 66 -3.85 -6.45 5.90
C VAL C 66 -3.99 -5.61 4.65
N LEU C 67 -5.13 -4.92 4.54
CA LEU C 67 -5.35 -3.97 3.45
C LEU C 67 -4.42 -2.79 3.67
N GLU C 68 -3.56 -2.50 2.70
CA GLU C 68 -2.50 -1.53 2.89
C GLU C 68 -2.50 -0.37 1.90
N VAL C 69 -3.04 -0.62 0.71
CA VAL C 69 -2.95 0.32 -0.40
C VAL C 69 -4.22 0.39 -1.22
N ILE C 70 -4.62 1.60 -1.58
CA ILE C 70 -5.69 1.80 -2.54
C ILE C 70 -5.10 2.55 -3.73
N GLU C 71 -5.05 1.86 -4.86
CA GLU C 71 -4.46 2.38 -6.08
C GLU C 71 -5.22 3.58 -6.65
N ALA C 72 -4.76 4.07 -7.80
CA ALA C 72 -5.44 5.14 -8.52
C ALA C 72 -6.61 4.58 -9.30
N ASP C 73 -7.68 5.38 -9.40
CA ASP C 73 -8.88 5.07 -10.21
C ASP C 73 -9.59 3.80 -9.82
N VAL C 74 -9.79 3.64 -8.52
CA VAL C 74 -10.51 2.51 -8.00
C VAL C 74 -11.99 2.86 -8.05
N PHE C 75 -12.32 4.08 -7.64
CA PHE C 75 -13.70 4.55 -7.67
C PHE C 75 -13.88 5.55 -8.80
N SER C 76 -14.21 5.03 -9.99
CA SER C 76 -14.39 5.84 -11.20
C SER C 76 -15.29 5.13 -12.22
N ASN C 77 -15.97 5.92 -13.05
CA ASN C 77 -17.00 5.38 -13.95
C ASN C 77 -18.00 4.54 -13.15
N LEU C 78 -18.53 5.15 -12.09
CA LEU C 78 -19.50 4.49 -11.24
C LEU C 78 -20.71 5.41 -11.09
N PRO C 79 -21.50 5.53 -12.16
CA PRO C 79 -22.62 6.47 -12.24
C PRO C 79 -23.72 6.26 -11.19
N LYS C 80 -23.85 5.04 -10.69
CA LYS C 80 -24.91 4.71 -9.74
C LYS C 80 -24.43 4.61 -8.30
N LEU C 81 -23.13 4.79 -8.08
CA LEU C 81 -22.52 4.66 -6.74
C LEU C 81 -23.00 5.74 -5.77
N HIS C 82 -23.54 5.32 -4.63
CA HIS C 82 -24.06 6.26 -3.66
C HIS C 82 -23.29 6.27 -2.35
N GLU C 83 -22.70 5.13 -2.01
CA GLU C 83 -22.07 4.97 -0.73
C GLU C 83 -20.78 4.18 -0.83
N ILE C 84 -19.71 4.73 -0.27
CA ILE C 84 -18.45 4.01 -0.10
C ILE C 84 -18.19 3.92 1.40
N ARG C 85 -17.95 2.70 1.88
CA ARG C 85 -17.67 2.49 3.30
C ARG C 85 -16.40 1.70 3.48
N ILE C 86 -15.34 2.40 3.89
CA ILE C 86 -14.07 1.77 4.21
C ILE C 86 -13.99 1.79 5.71
N GLU C 87 -14.20 0.63 6.33
CA GLU C 87 -14.16 0.54 7.77
C GLU C 87 -13.12 -0.46 8.22
N LYS C 88 -12.47 -0.13 9.31
CA LYS C 88 -11.64 -1.07 10.04
C LYS C 88 -10.51 -1.70 9.23
N ALA C 89 -9.71 -0.87 8.57
CA ALA C 89 -8.48 -1.34 7.93
C ALA C 89 -7.29 -0.81 8.74
N ASN C 90 -6.95 -1.64 9.71
CA ASN C 90 -5.83 -1.52 10.63
C ASN C 90 -4.53 -0.98 10.01
N ASN C 91 -4.18 -1.50 8.84
CA ASN C 91 -2.88 -1.21 8.23
C ASN C 91 -2.99 -0.44 6.93
N LEU C 92 -4.20 0.06 6.62
CA LEU C 92 -4.37 0.90 5.44
C LEU C 92 -3.72 2.23 5.73
N LEU C 93 -2.48 2.36 5.29
CA LEU C 93 -1.73 3.58 5.47
C LEU C 93 -1.67 4.46 4.22
N TYR C 94 -2.10 3.94 3.07
CA TYR C 94 -1.99 4.76 1.88
C TYR C 94 -3.19 4.71 0.93
N ILE C 95 -3.83 5.85 0.71
CA ILE C 95 -4.83 5.95 -0.35
C ILE C 95 -4.27 6.89 -1.39
N ASN C 96 -4.16 6.40 -2.62
CA ASN C 96 -3.60 7.19 -3.71
C ASN C 96 -4.42 8.44 -3.98
N PRO C 97 -3.75 9.60 -4.01
CA PRO C 97 -4.40 10.90 -4.29
C PRO C 97 -5.29 10.98 -5.55
N GLU C 98 -5.33 9.91 -6.34
CA GLU C 98 -6.25 9.84 -7.47
C GLU C 98 -7.17 8.62 -7.40
N ALA C 99 -7.50 8.19 -6.19
CA ALA C 99 -8.37 7.03 -6.00
C ALA C 99 -9.83 7.28 -6.42
N PHE C 100 -10.35 8.46 -6.07
CA PHE C 100 -11.76 8.81 -6.33
C PHE C 100 -11.90 9.77 -7.50
N GLN C 101 -12.78 9.45 -8.44
CA GLN C 101 -12.95 10.25 -9.65
C GLN C 101 -14.36 10.26 -10.23
N ASN C 102 -14.92 11.46 -10.32
CA ASN C 102 -16.25 11.69 -10.85
C ASN C 102 -17.28 10.62 -10.51
N LEU C 103 -17.95 10.84 -9.38
CA LEU C 103 -19.07 10.00 -8.98
C LEU C 103 -20.26 10.94 -8.80
N PRO C 104 -20.94 11.27 -9.90
CA PRO C 104 -22.05 12.23 -9.85
C PRO C 104 -23.04 11.90 -8.76
N ASN C 105 -23.10 10.63 -8.34
CA ASN C 105 -24.10 10.18 -7.41
C ASN C 105 -23.65 9.93 -5.97
N LEU C 106 -22.43 10.32 -5.64
CA LEU C 106 -21.92 10.04 -4.30
C LEU C 106 -22.66 10.81 -3.23
N GLN C 107 -23.38 10.09 -2.40
CA GLN C 107 -24.13 10.72 -1.33
C GLN C 107 -23.37 10.57 -0.02
N TYR C 108 -22.70 9.44 0.14
CA TYR C 108 -22.05 9.11 1.39
C TYR C 108 -20.64 8.56 1.16
N LEU C 109 -19.67 9.09 1.90
CA LEU C 109 -18.31 8.55 1.89
C LEU C 109 -17.77 8.38 3.30
N LEU C 110 -17.62 7.12 3.72
CA LEU C 110 -17.22 6.80 5.08
C LEU C 110 -15.84 6.20 5.14
N ILE C 111 -14.94 6.83 5.87
CA ILE C 111 -13.65 6.25 6.15
C ILE C 111 -13.40 6.33 7.64
N SER C 112 -13.36 5.16 8.28
CA SER C 112 -13.19 5.13 9.72
C SER C 112 -12.35 3.95 10.22
N ASN C 113 -11.79 4.14 11.41
CA ASN C 113 -10.90 3.18 12.06
C ASN C 113 -9.78 2.65 11.16
N THR C 114 -9.10 3.60 10.50
CA THR C 114 -8.07 3.32 9.52
C THR C 114 -6.71 3.85 9.99
N GLY C 115 -5.68 3.60 9.18
CA GLY C 115 -4.34 4.06 9.46
C GLY C 115 -3.89 5.17 8.53
N ILE C 116 -4.75 5.57 7.59
CA ILE C 116 -4.40 6.67 6.67
C ILE C 116 -3.93 7.86 7.50
N LYS C 117 -3.00 8.62 6.92
CA LYS C 117 -2.43 9.77 7.61
C LYS C 117 -2.83 11.08 6.95
N HIS C 118 -3.51 10.96 5.82
CA HIS C 118 -4.00 12.08 5.04
C HIS C 118 -5.48 11.94 4.68
N LEU C 119 -6.21 13.05 4.72
CA LEU C 119 -7.60 13.09 4.25
C LEU C 119 -7.66 12.76 2.76
N PRO C 120 -8.73 12.10 2.32
CA PRO C 120 -8.86 11.69 0.93
C PRO C 120 -8.79 12.87 -0.01
N ASP C 121 -8.35 12.64 -1.25
CA ASP C 121 -8.37 13.69 -2.27
C ASP C 121 -9.70 13.59 -3.00
N VAL C 122 -10.56 14.56 -2.73
CA VAL C 122 -11.94 14.47 -3.20
C VAL C 122 -12.21 15.45 -4.32
N HIS C 123 -11.18 16.22 -4.69
CA HIS C 123 -11.37 17.35 -5.60
C HIS C 123 -11.73 16.98 -7.02
N LYS C 124 -11.70 15.68 -7.32
CA LYS C 124 -12.14 15.19 -8.62
C LYS C 124 -13.53 14.53 -8.61
N ILE C 125 -14.11 14.32 -7.42
CA ILE C 125 -15.39 13.60 -7.31
C ILE C 125 -16.54 14.32 -8.04
N HIS C 126 -16.71 15.62 -7.77
CA HIS C 126 -17.74 16.45 -8.40
C HIS C 126 -19.12 15.85 -8.27
N SER C 127 -19.43 15.32 -7.10
CA SER C 127 -20.74 14.72 -6.90
C SER C 127 -21.86 15.75 -7.06
N LEU C 128 -22.91 15.36 -7.78
CA LEU C 128 -24.09 16.21 -8.03
C LEU C 128 -25.05 16.32 -6.85
N GLN C 129 -24.87 15.50 -5.83
CA GLN C 129 -25.74 15.58 -4.68
C GLN C 129 -24.98 16.06 -3.46
N LYS C 130 -25.74 16.44 -2.45
CA LYS C 130 -25.20 16.63 -1.13
C LYS C 130 -24.48 15.36 -0.72
N VAL C 131 -23.28 15.54 -0.17
CA VAL C 131 -22.44 14.44 0.28
C VAL C 131 -22.28 14.56 1.78
N LEU C 132 -22.26 13.41 2.43
CA LEU C 132 -21.91 13.29 3.84
C LEU C 132 -20.54 12.67 3.84
N LEU C 133 -19.54 13.45 4.23
CA LEU C 133 -18.18 12.95 4.29
C LEU C 133 -17.90 12.67 5.75
N ASP C 134 -17.73 11.40 6.07
CA ASP C 134 -17.64 11.00 7.45
C ASP C 134 -16.36 10.22 7.69
N ILE C 135 -15.32 10.97 8.03
CA ILE C 135 -14.02 10.41 8.28
C ILE C 135 -13.72 10.45 9.79
N GLN C 136 -13.65 9.29 10.43
CA GLN C 136 -13.50 9.21 11.90
C GLN C 136 -12.51 8.16 12.36
N ASP C 137 -12.18 8.23 13.65
CA ASP C 137 -11.32 7.27 14.36
C ASP C 137 -10.02 6.93 13.60
N ASN C 138 -9.59 7.84 12.74
CA ASN C 138 -8.31 7.70 12.04
C ASN C 138 -7.24 8.45 12.80
N ILE C 139 -6.68 7.80 13.82
CA ILE C 139 -5.78 8.47 14.74
C ILE C 139 -4.54 9.11 14.12
N ASN C 140 -4.20 8.74 12.88
CA ASN C 140 -3.00 9.28 12.21
C ASN C 140 -3.22 10.50 11.34
N ILE C 141 -4.45 10.99 11.20
CA ILE C 141 -4.64 12.20 10.40
C ILE C 141 -4.44 13.41 11.28
N HIS C 142 -3.38 14.17 10.99
CA HIS C 142 -3.04 15.30 11.83
C HIS C 142 -3.31 16.69 11.22
N THR C 143 -3.48 16.76 9.90
CA THR C 143 -3.58 18.05 9.21
C THR C 143 -4.72 18.16 8.16
N ILE C 144 -5.36 19.33 8.07
CA ILE C 144 -6.26 19.67 6.95
C ILE C 144 -5.61 20.83 6.22
N GLU C 145 -5.61 20.81 4.89
CA GLU C 145 -4.80 21.78 4.16
C GLU C 145 -5.55 22.61 3.14
N ARG C 146 -4.90 23.70 2.72
CA ARG C 146 -5.53 24.60 1.77
C ARG C 146 -6.24 23.72 0.74
N ASN C 147 -7.57 23.87 0.68
CA ASN C 147 -8.39 23.24 -0.35
C ASN C 147 -8.65 21.72 -0.26
N SER C 148 -8.99 21.25 0.93
CA SER C 148 -9.19 19.82 1.16
C SER C 148 -10.53 19.26 0.67
N PHE C 149 -11.58 20.06 0.66
CA PHE C 149 -12.90 19.57 0.30
C PHE C 149 -13.48 20.25 -0.95
N VAL C 150 -12.65 21.01 -1.64
CA VAL C 150 -13.07 21.66 -2.88
C VAL C 150 -13.34 20.61 -3.93
N GLY C 151 -14.39 20.83 -4.72
CA GLY C 151 -14.70 19.93 -5.81
C GLY C 151 -15.42 18.66 -5.41
N LEU C 152 -15.57 18.42 -4.10
CA LEU C 152 -16.27 17.23 -3.63
C LEU C 152 -17.68 17.15 -4.21
N SER C 153 -18.43 18.23 -4.04
CA SER C 153 -19.82 18.31 -4.51
C SER C 153 -20.20 19.69 -5.02
N PHE C 154 -21.32 19.76 -5.73
CA PHE C 154 -21.82 21.03 -6.23
C PHE C 154 -22.78 21.66 -5.22
N GLU C 155 -22.93 21.02 -4.06
CA GLU C 155 -23.79 21.57 -3.02
C GLU C 155 -23.39 21.31 -1.58
N SER C 156 -24.31 21.68 -0.71
CA SER C 156 -24.29 21.42 0.71
C SER C 156 -23.52 20.13 0.98
N VAL C 157 -22.52 20.23 1.85
CA VAL C 157 -21.69 19.09 2.17
C VAL C 157 -21.55 18.98 3.69
N ILE C 158 -21.76 17.80 4.25
CA ILE C 158 -21.54 17.62 5.68
C ILE C 158 -20.21 16.93 5.87
N LEU C 159 -19.33 17.55 6.66
CA LEU C 159 -18.01 17.00 6.96
C LEU C 159 -17.90 16.58 8.40
N TRP C 160 -17.83 15.28 8.62
CA TRP C 160 -17.59 14.79 9.95
C TRP C 160 -16.13 14.37 10.01
N LEU C 161 -15.27 15.31 10.36
CA LEU C 161 -13.85 15.07 10.54
C LEU C 161 -13.57 14.82 12.02
N ASN C 162 -14.60 14.28 12.64
CA ASN C 162 -14.69 13.78 13.99
C ASN C 162 -13.57 12.80 14.41
N LYS C 163 -13.07 12.95 15.63
CA LYS C 163 -12.21 11.94 16.29
C LYS C 163 -10.98 11.40 15.56
N ASN C 164 -10.09 12.27 15.14
CA ASN C 164 -8.87 11.77 14.52
C ASN C 164 -7.71 12.32 15.34
N GLY C 165 -6.64 12.71 14.67
CA GLY C 165 -5.53 13.32 15.39
C GLY C 165 -5.21 14.66 14.78
N ILE C 166 -6.24 15.33 14.28
CA ILE C 166 -6.08 16.67 13.73
C ILE C 166 -5.49 17.57 14.80
N GLN C 167 -4.46 18.32 14.42
CA GLN C 167 -3.77 19.25 15.32
C GLN C 167 -3.64 20.62 14.66
N GLU C 168 -3.63 20.61 13.32
CA GLU C 168 -3.49 21.81 12.54
C GLU C 168 -4.43 21.85 11.33
N ILE C 169 -5.19 22.94 11.21
CA ILE C 169 -5.98 23.19 10.00
C ILE C 169 -5.38 24.43 9.35
N HIS C 170 -5.18 24.40 8.04
CA HIS C 170 -4.60 25.55 7.32
C HIS C 170 -5.68 26.45 6.74
N ASN C 171 -5.36 27.74 6.55
CA ASN C 171 -6.30 28.68 5.94
C ASN C 171 -6.84 28.11 4.63
N CYS C 172 -8.07 28.52 4.29
CA CYS C 172 -8.70 28.10 3.05
C CYS C 172 -8.80 26.58 2.97
N ALA C 173 -8.90 25.94 4.12
CA ALA C 173 -9.09 24.50 4.20
C ALA C 173 -10.40 24.15 3.53
N PHE C 174 -11.41 24.99 3.79
CA PHE C 174 -12.76 24.78 3.27
C PHE C 174 -13.12 25.74 2.15
N ASN C 175 -12.09 26.34 1.55
CA ASN C 175 -12.26 27.16 0.37
C ASN C 175 -13.05 26.40 -0.70
N GLY C 176 -13.86 27.14 -1.45
CA GLY C 176 -14.70 26.54 -2.50
C GLY C 176 -15.71 25.50 -2.03
N THR C 177 -16.08 25.55 -0.76
CA THR C 177 -17.02 24.57 -0.24
C THR C 177 -18.24 25.20 0.48
N GLN C 178 -19.41 24.58 0.30
CA GLN C 178 -20.66 25.03 0.93
C GLN C 178 -20.91 24.24 2.22
N LEU C 179 -20.33 24.72 3.31
CA LEU C 179 -20.27 24.00 4.57
C LEU C 179 -21.56 23.89 5.33
N ASP C 180 -22.26 22.80 5.11
CA ASP C 180 -23.51 22.52 5.79
C ASP C 180 -23.27 22.25 7.28
N GLU C 181 -22.34 21.36 7.57
CA GLU C 181 -22.00 21.04 8.95
C GLU C 181 -20.55 20.63 9.05
N LEU C 182 -19.91 20.95 10.18
CA LEU C 182 -18.50 20.65 10.39
C LEU C 182 -18.29 20.19 11.81
N ASN C 183 -17.77 18.98 11.92
CA ASN C 183 -17.53 18.37 13.20
C ASN C 183 -16.04 18.11 13.34
N LEU C 184 -15.44 18.76 14.33
CA LEU C 184 -14.03 18.62 14.60
C LEU C 184 -13.90 18.24 16.04
N SER C 185 -14.94 17.60 16.58
CA SER C 185 -14.95 17.12 17.95
C SER C 185 -13.93 16.03 18.17
N ASP C 186 -13.43 15.96 19.41
CA ASP C 186 -12.54 14.89 19.84
C ASP C 186 -11.19 14.84 19.12
N ASN C 187 -10.90 15.83 18.29
CA ASN C 187 -9.52 16.04 17.85
C ASN C 187 -8.88 16.89 18.93
N ASN C 188 -8.56 16.27 20.07
CA ASN C 188 -8.22 17.05 21.26
C ASN C 188 -6.88 17.73 21.37
N ASN C 189 -6.11 17.71 20.29
CA ASN C 189 -4.89 18.49 20.24
C ASN C 189 -5.03 19.71 19.35
N LEU C 190 -6.22 19.90 18.80
CA LEU C 190 -6.49 21.05 17.97
C LEU C 190 -6.90 22.24 18.84
N GLU C 191 -6.09 23.31 18.79
CA GLU C 191 -6.32 24.45 19.68
C GLU C 191 -6.50 25.79 18.99
N GLU C 192 -6.35 25.83 17.67
CA GLU C 192 -6.52 27.08 16.95
C GLU C 192 -7.15 26.86 15.60
N LEU C 193 -7.93 27.84 15.17
CA LEU C 193 -8.43 27.89 13.81
C LEU C 193 -7.87 29.14 13.15
N PRO C 194 -7.13 28.96 12.06
CA PRO C 194 -6.61 30.07 11.28
C PRO C 194 -7.73 31.08 11.02
N ASN C 195 -7.41 32.36 11.15
CA ASN C 195 -8.42 33.40 10.98
C ASN C 195 -8.95 33.45 9.55
N ASP C 196 -8.40 32.59 8.69
CA ASP C 196 -8.86 32.45 7.32
C ASP C 196 -9.34 31.05 6.93
N VAL C 197 -9.78 30.25 7.91
CA VAL C 197 -10.24 28.89 7.61
C VAL C 197 -11.42 28.87 6.64
N PHE C 198 -12.40 29.72 6.89
CA PHE C 198 -13.61 29.65 6.09
C PHE C 198 -13.53 30.54 4.86
N HIS C 199 -12.34 31.08 4.61
CA HIS C 199 -12.11 31.91 3.43
C HIS C 199 -12.68 31.23 2.19
N GLY C 200 -13.57 31.94 1.52
CA GLY C 200 -14.18 31.45 0.29
C GLY C 200 -15.11 30.27 0.48
N ALA C 201 -15.81 30.25 1.60
CA ALA C 201 -16.75 29.18 1.90
C ALA C 201 -18.11 29.70 2.38
N SER C 202 -19.16 28.93 2.08
CA SER C 202 -20.50 29.18 2.59
C SER C 202 -20.62 29.05 4.12
N GLY C 203 -19.49 28.91 4.81
CA GLY C 203 -19.43 28.90 6.26
C GLY C 203 -20.35 27.91 6.94
N PRO C 204 -19.87 27.29 8.01
CA PRO C 204 -20.65 26.27 8.70
C PRO C 204 -22.00 26.82 9.12
N VAL C 205 -23.04 26.00 9.01
CA VAL C 205 -24.33 26.33 9.60
C VAL C 205 -24.31 25.76 11.03
N ILE C 206 -23.86 24.51 11.16
CA ILE C 206 -23.67 23.88 12.46
C ILE C 206 -22.17 23.65 12.63
N LEU C 207 -21.61 23.98 13.79
CA LEU C 207 -20.16 23.78 14.01
C LEU C 207 -19.84 23.07 15.32
N ASP C 208 -19.15 21.95 15.21
CA ASP C 208 -18.87 21.12 16.37
C ASP C 208 -17.39 21.12 16.76
N ILE C 209 -17.05 21.82 17.84
CA ILE C 209 -15.66 21.90 18.30
C ILE C 209 -15.52 21.29 19.69
N SER C 210 -16.51 20.50 20.05
CA SER C 210 -16.51 19.79 21.32
C SER C 210 -15.20 19.04 21.57
N ARG C 211 -14.80 18.98 22.84
CA ARG C 211 -13.55 18.31 23.24
C ARG C 211 -12.35 18.63 22.35
N THR C 212 -12.10 19.92 22.10
CA THR C 212 -10.85 20.36 21.50
C THR C 212 -10.26 21.34 22.49
N ARG C 213 -9.14 21.96 22.13
CA ARG C 213 -8.60 22.99 23.00
C ARG C 213 -8.82 24.39 22.39
N ILE C 214 -9.65 24.47 21.34
CA ILE C 214 -10.06 25.74 20.70
C ILE C 214 -10.71 26.67 21.71
N HIS C 215 -10.24 27.91 21.76
CA HIS C 215 -10.78 28.88 22.70
C HIS C 215 -11.17 30.21 22.07
N SER C 216 -11.46 30.16 20.78
CA SER C 216 -11.88 31.33 20.03
C SER C 216 -12.20 30.93 18.61
N LEU C 217 -13.02 31.72 17.95
CA LEU C 217 -13.30 31.47 16.54
C LEU C 217 -12.92 32.67 15.68
N PRO C 218 -12.66 32.42 14.40
CA PRO C 218 -12.39 33.48 13.43
C PRO C 218 -13.50 34.53 13.36
N SER C 219 -13.14 35.76 13.05
CA SER C 219 -14.09 36.87 13.01
C SER C 219 -15.10 36.80 11.86
N TYR C 220 -14.66 36.36 10.68
CA TYR C 220 -15.62 36.14 9.59
C TYR C 220 -15.76 34.65 9.24
N GLY C 221 -16.78 34.34 8.45
CA GLY C 221 -17.03 32.97 8.03
C GLY C 221 -18.18 32.32 8.77
N LEU C 222 -18.48 32.81 9.97
CA LEU C 222 -19.52 32.23 10.80
C LEU C 222 -20.86 32.94 10.72
N GLU C 223 -21.10 33.60 9.60
CA GLU C 223 -22.33 34.37 9.37
C GLU C 223 -23.62 33.55 9.29
N ASN C 224 -23.50 32.24 9.08
CA ASN C 224 -24.66 31.36 9.01
C ASN C 224 -24.73 30.39 10.18
N LEU C 225 -23.84 30.55 11.15
CA LEU C 225 -23.82 29.73 12.34
C LEU C 225 -25.20 29.75 13.03
N LYS C 226 -25.88 28.61 13.06
CA LYS C 226 -27.15 28.48 13.80
C LYS C 226 -26.99 27.63 15.05
N LYS C 227 -25.95 26.80 15.07
CA LYS C 227 -25.69 25.93 16.21
C LYS C 227 -24.18 25.76 16.45
N LEU C 228 -23.73 25.93 17.70
CA LEU C 228 -22.33 25.66 18.04
C LEU C 228 -22.24 24.65 19.16
N ARG C 229 -21.64 23.50 18.88
CA ARG C 229 -21.47 22.48 19.91
C ARG C 229 -20.08 22.62 20.48
N ALA C 230 -19.99 22.97 21.75
CA ALA C 230 -18.70 23.09 22.40
C ALA C 230 -18.73 22.27 23.67
N ARG C 231 -18.92 22.91 24.83
CA ARG C 231 -19.15 22.17 26.07
C ARG C 231 -20.66 21.94 26.20
N SER C 232 -21.45 22.89 25.73
CA SER C 232 -22.88 22.72 25.58
C SER C 232 -23.21 23.15 24.16
N THR C 233 -24.50 23.22 23.85
CA THR C 233 -24.93 23.63 22.52
C THR C 233 -25.50 25.05 22.59
N TYR C 234 -25.38 25.82 21.51
CA TYR C 234 -25.81 27.22 21.51
C TYR C 234 -26.72 27.55 20.32
N ASN C 235 -27.55 28.59 20.47
CA ASN C 235 -28.45 29.06 19.40
C ASN C 235 -29.11 30.43 19.67
N LEU C 236 -30.01 30.45 20.65
CA LEU C 236 -30.68 31.66 21.13
C LEU C 236 -30.23 31.87 22.57
N LYS C 237 -29.09 31.25 22.89
CA LYS C 237 -28.38 31.44 24.15
C LYS C 237 -27.29 32.47 23.92
N LYS C 238 -27.18 32.89 22.65
CA LYS C 238 -26.22 33.88 22.19
C LYS C 238 -26.79 34.51 20.93
N LEU C 239 -26.85 35.85 20.89
CA LEU C 239 -27.19 36.55 19.64
C LEU C 239 -25.93 36.87 18.81
N PRO C 240 -24.78 37.08 19.50
CA PRO C 240 -23.47 37.10 18.86
C PRO C 240 -23.00 35.74 18.26
N THR C 241 -23.91 34.82 17.92
CA THR C 241 -23.52 33.65 17.11
C THR C 241 -23.20 34.14 15.69
N LEU C 242 -22.54 35.29 15.68
CA LEU C 242 -21.86 35.86 14.54
C LEU C 242 -20.61 36.43 15.21
N GLU C 243 -19.75 35.50 15.62
CA GLU C 243 -18.48 35.81 16.26
C GLU C 243 -17.39 35.95 15.21
N ASP D 6 48.78 -13.25 -6.41
CA ASP D 6 49.04 -11.92 -7.04
C ASP D 6 47.93 -11.46 -7.98
N CYS D 7 47.43 -10.25 -7.70
CA CYS D 7 46.41 -9.59 -8.51
C CYS D 7 46.88 -8.19 -8.91
N PRO D 8 46.94 -7.88 -10.21
CA PRO D 8 47.28 -6.53 -10.68
C PRO D 8 46.36 -5.48 -10.05
N GLU D 9 46.31 -4.29 -10.63
CA GLU D 9 45.49 -3.23 -10.04
C GLU D 9 44.59 -2.56 -11.06
N CYS D 10 43.34 -2.30 -10.67
CA CYS D 10 42.34 -1.70 -11.53
C CYS D 10 42.74 -0.33 -12.04
N THR D 11 43.30 -0.29 -13.25
CA THR D 11 43.83 0.93 -13.85
C THR D 11 43.53 0.99 -15.36
N LEU D 12 43.98 2.07 -16.00
CA LEU D 12 43.93 2.15 -17.45
C LEU D 12 44.97 1.25 -18.08
N GLN D 13 44.65 0.69 -19.24
CA GLN D 13 45.54 -0.20 -19.97
C GLN D 13 45.24 -0.11 -21.45
N GLU D 14 46.26 -0.32 -22.27
CA GLU D 14 46.08 -0.23 -23.72
C GLU D 14 45.38 -1.46 -24.28
N ASN D 15 44.43 -1.23 -25.19
CA ASN D 15 43.75 -2.33 -25.84
C ASN D 15 44.26 -2.52 -27.27
N PRO D 16 45.02 -3.60 -27.49
CA PRO D 16 45.66 -3.86 -28.77
C PRO D 16 44.70 -4.02 -29.93
N PHE D 17 43.48 -4.47 -29.65
CA PHE D 17 42.50 -4.73 -30.70
C PHE D 17 41.90 -3.48 -31.32
N PHE D 18 42.09 -2.34 -30.67
CA PHE D 18 41.57 -1.05 -31.15
C PHE D 18 42.60 0.06 -31.18
N SER D 19 43.67 -0.11 -30.41
CA SER D 19 44.78 0.85 -30.38
C SER D 19 45.60 0.84 -31.67
N GLN D 20 46.27 1.97 -31.92
CA GLN D 20 47.15 2.14 -33.07
C GLN D 20 48.33 3.05 -32.66
N PRO D 21 49.46 2.99 -33.39
CA PRO D 21 50.62 3.85 -33.09
C PRO D 21 50.26 5.34 -32.91
N GLY D 22 49.48 5.88 -33.85
CA GLY D 22 49.06 7.28 -33.79
C GLY D 22 47.99 7.52 -32.74
N ALA D 23 46.86 6.81 -32.88
CA ALA D 23 45.71 6.99 -32.00
C ALA D 23 45.41 5.75 -31.14
N PRO D 24 45.89 5.76 -29.89
CA PRO D 24 45.67 4.64 -28.97
C PRO D 24 44.33 4.73 -28.24
N ILE D 25 43.87 3.60 -27.73
CA ILE D 25 42.65 3.53 -26.94
C ILE D 25 42.89 2.77 -25.66
N LEU D 26 42.32 3.29 -24.57
CA LEU D 26 42.50 2.72 -23.23
C LEU D 26 41.25 2.07 -22.66
N GLN D 27 41.48 0.93 -22.00
CA GLN D 27 40.42 0.10 -21.43
C GLN D 27 40.65 -0.12 -19.94
N CYS D 28 39.60 0.13 -19.15
CA CYS D 28 39.61 -0.09 -17.70
C CYS D 28 39.69 -1.57 -17.36
N MET D 29 40.83 -1.99 -16.82
CA MET D 29 40.95 -3.36 -16.38
C MET D 29 41.88 -3.51 -15.19
N GLY D 30 41.67 -4.58 -14.42
CA GLY D 30 42.45 -4.82 -13.21
C GLY D 30 41.74 -5.61 -12.13
N CYS D 31 42.03 -5.26 -10.88
CA CYS D 31 41.50 -6.02 -9.76
C CYS D 31 40.78 -5.15 -8.75
N CYS D 32 39.70 -5.71 -8.21
CA CYS D 32 38.89 -5.06 -7.20
C CYS D 32 38.54 -6.06 -6.10
N PHE D 33 38.12 -5.56 -4.94
CA PHE D 33 37.82 -6.43 -3.80
C PHE D 33 36.41 -6.98 -3.83
N SER D 34 36.22 -8.17 -3.29
CA SER D 34 34.89 -8.77 -3.12
C SER D 34 34.95 -9.93 -2.13
N ARG D 35 33.84 -10.22 -1.47
CA ARG D 35 33.78 -11.28 -0.47
C ARG D 35 32.42 -11.98 -0.40
N ALA D 36 32.39 -13.10 0.31
CA ALA D 36 31.15 -13.83 0.57
C ALA D 36 31.08 -14.20 2.05
N TYR D 37 29.90 -14.02 2.65
CA TYR D 37 29.68 -14.38 4.06
C TYR D 37 28.23 -14.81 4.30
N PRO D 38 27.98 -15.53 5.41
CA PRO D 38 26.62 -15.91 5.78
C PRO D 38 25.68 -14.70 5.92
N THR D 39 24.50 -14.83 5.33
CA THR D 39 23.55 -13.76 5.30
C THR D 39 22.99 -13.51 6.68
N PRO D 40 23.25 -12.32 7.23
CA PRO D 40 22.71 -11.95 8.54
C PRO D 40 21.22 -12.27 8.56
N LEU D 41 20.75 -12.76 9.71
CA LEU D 41 19.33 -13.11 9.87
C LEU D 41 18.43 -11.88 9.73
N ARG D 42 18.98 -10.71 10.04
CA ARG D 42 18.28 -9.44 9.87
C ARG D 42 18.04 -9.16 8.39
N SER D 43 19.02 -9.51 7.55
CA SER D 43 18.87 -9.40 6.11
C SER D 43 17.85 -10.40 5.57
N LYS D 44 17.90 -11.65 6.08
CA LYS D 44 16.99 -12.70 5.65
C LYS D 44 15.52 -12.33 5.88
N LYS D 45 15.31 -11.18 6.53
CA LYS D 45 13.99 -10.70 6.87
C LYS D 45 13.46 -9.69 5.85
N THR D 46 14.36 -9.12 5.06
CA THR D 46 13.96 -8.12 4.06
C THR D 46 13.67 -8.77 2.71
N MET D 47 13.84 -10.09 2.63
CA MET D 47 13.72 -10.82 1.36
C MET D 47 12.69 -11.94 1.33
N LEU D 48 11.78 -11.87 0.36
CA LEU D 48 10.77 -12.91 0.16
C LEU D 48 11.42 -14.20 -0.33
N VAL D 49 12.47 -14.08 -1.14
CA VAL D 49 13.23 -15.24 -1.58
C VAL D 49 14.51 -15.26 -0.75
N GLN D 50 14.69 -16.35 0.01
CA GLN D 50 15.79 -16.48 0.98
C GLN D 50 17.09 -16.96 0.36
N LYS D 51 18.19 -16.30 0.72
CA LYS D 51 19.51 -16.67 0.24
C LYS D 51 20.43 -16.84 1.45
N ASN D 52 21.00 -18.04 1.60
CA ASN D 52 21.83 -18.34 2.77
C ASN D 52 23.16 -17.59 2.74
N VAL D 53 23.65 -17.32 1.53
CA VAL D 53 24.92 -16.60 1.37
C VAL D 53 24.70 -15.16 0.85
N THR D 54 25.55 -14.26 1.30
CA THR D 54 25.53 -12.87 0.87
C THR D 54 26.87 -12.49 0.25
N SER D 55 26.84 -12.12 -1.03
CA SER D 55 28.05 -11.76 -1.74
C SER D 55 28.09 -10.26 -1.99
N GLU D 56 29.15 -9.61 -1.57
CA GLU D 56 29.32 -8.23 -1.95
C GLU D 56 30.53 -8.10 -2.84
N SER D 57 30.36 -7.36 -3.92
CA SER D 57 31.38 -7.25 -4.95
C SER D 57 31.43 -5.89 -5.59
N THR D 58 32.63 -5.54 -5.98
CA THR D 58 32.90 -4.32 -6.70
C THR D 58 33.64 -4.77 -7.97
N CYS D 59 33.66 -3.95 -9.00
CA CYS D 59 34.25 -4.34 -10.29
C CYS D 59 34.96 -3.19 -10.96
N CYS D 60 36.01 -3.51 -11.71
CA CYS D 60 36.78 -2.51 -12.40
C CYS D 60 36.02 -1.97 -13.59
N VAL D 61 35.45 -0.78 -13.46
CA VAL D 61 34.71 -0.19 -14.58
C VAL D 61 35.13 1.24 -14.92
N ALA D 62 34.79 1.65 -16.14
CA ALA D 62 35.18 2.95 -16.65
C ALA D 62 34.32 4.05 -16.07
N LYS D 63 34.96 5.04 -15.46
CA LYS D 63 34.22 6.19 -14.95
C LYS D 63 33.88 7.21 -16.06
N SER D 64 34.91 7.71 -16.74
CA SER D 64 34.71 8.63 -17.85
C SER D 64 35.21 8.01 -19.15
N TYR D 65 34.58 8.39 -20.24
CA TYR D 65 35.00 7.96 -21.56
C TYR D 65 34.53 8.89 -22.68
N ASN D 66 35.38 9.04 -23.70
CA ASN D 66 35.01 9.71 -24.94
C ASN D 66 34.59 8.65 -25.94
N ARG D 67 33.52 8.92 -26.68
CA ARG D 67 33.04 7.98 -27.68
C ARG D 67 33.74 8.23 -29.04
N VAL D 68 34.88 7.55 -29.25
CA VAL D 68 35.76 7.82 -30.41
C VAL D 68 35.66 6.83 -31.59
N THR D 69 36.15 7.26 -32.76
CA THR D 69 36.09 6.50 -34.02
C THR D 69 37.46 5.95 -34.43
N VAL D 70 37.53 4.67 -34.77
CA VAL D 70 38.80 4.01 -35.15
C VAL D 70 38.88 3.52 -36.60
N MET D 71 40.09 3.11 -37.01
CA MET D 71 40.37 2.66 -38.38
C MET D 71 39.29 1.72 -38.93
N GLY D 72 38.85 0.76 -38.12
CA GLY D 72 37.80 -0.16 -38.51
C GLY D 72 36.50 0.53 -38.94
N GLY D 73 36.42 1.84 -38.71
CA GLY D 73 35.18 2.60 -38.93
C GLY D 73 34.25 2.40 -37.75
N PHE D 74 34.80 1.81 -36.68
CA PHE D 74 34.05 1.46 -35.49
C PHE D 74 33.99 2.63 -34.55
N LYS D 75 33.02 2.57 -33.66
CA LYS D 75 32.88 3.54 -32.60
C LYS D 75 33.05 2.79 -31.29
N VAL D 76 34.12 3.10 -30.57
CA VAL D 76 34.41 2.47 -29.28
C VAL D 76 34.55 3.54 -28.19
N GLU D 77 34.63 3.12 -26.93
CA GLU D 77 34.81 4.08 -25.86
C GLU D 77 36.27 4.13 -25.46
N ASN D 78 36.83 5.32 -25.39
CA ASN D 78 38.21 5.46 -24.95
C ASN D 78 38.14 5.82 -23.47
N HIS D 79 38.57 4.91 -22.62
CA HIS D 79 38.49 5.17 -21.19
C HIS D 79 39.58 6.12 -20.77
N THR D 80 39.21 7.07 -19.91
CA THR D 80 40.14 8.08 -19.39
C THR D 80 40.20 8.03 -17.86
N ALA D 81 39.20 7.36 -17.24
CA ALA D 81 39.15 7.18 -15.80
C ALA D 81 38.52 5.84 -15.37
N CYS D 82 39.07 5.24 -14.31
CA CYS D 82 38.66 3.91 -13.80
C CYS D 82 38.49 3.85 -12.29
N HIS D 83 37.31 3.44 -11.85
CA HIS D 83 37.07 3.25 -10.43
C HIS D 83 36.43 1.90 -10.20
N CYS D 84 36.77 1.27 -9.08
CA CYS D 84 36.05 0.06 -8.66
C CYS D 84 34.64 0.48 -8.24
N SER D 85 33.64 0.08 -9.02
CA SER D 85 32.26 0.45 -8.80
C SER D 85 31.32 -0.78 -8.91
N THR D 86 30.00 -0.53 -9.04
CA THR D 86 28.98 -1.58 -9.16
C THR D 86 29.20 -2.60 -10.28
N CYS D 87 28.98 -3.88 -9.97
CA CYS D 87 29.02 -4.92 -10.96
C CYS D 87 27.62 -5.08 -11.50
N TYR D 88 27.50 -5.29 -12.79
CA TYR D 88 26.20 -5.58 -13.37
C TYR D 88 26.16 -7.02 -13.91
N TYR D 89 27.30 -7.58 -14.30
CA TYR D 89 27.28 -8.81 -15.08
C TYR D 89 27.93 -9.98 -14.39
N HIS D 90 27.72 -10.10 -13.09
CA HIS D 90 28.45 -11.08 -12.31
C HIS D 90 27.61 -12.25 -11.76
N LYS D 91 26.31 -12.26 -12.07
CA LYS D 91 25.43 -13.29 -11.50
C LYS D 91 25.19 -14.47 -12.44
N SER D 92 24.57 -15.52 -11.89
CA SER D 92 24.19 -16.78 -12.57
C SER D 92 24.97 -17.16 -13.85
N CYS E 3 41.48 -13.55 -4.27
CA CYS E 3 40.43 -14.48 -3.78
C CYS E 3 41.10 -15.66 -3.09
N GLU E 4 40.64 -15.94 -1.88
CA GLU E 4 41.19 -16.99 -1.03
C GLU E 4 40.16 -17.42 0.01
N LEU E 5 40.40 -18.57 0.64
CA LEU E 5 39.60 -18.99 1.78
C LEU E 5 40.16 -18.28 3.01
N THR E 6 39.31 -17.56 3.74
CA THR E 6 39.73 -16.78 4.90
C THR E 6 38.75 -16.80 6.08
N ASN E 7 39.29 -16.80 7.30
CA ASN E 7 38.51 -16.80 8.54
C ASN E 7 37.78 -15.47 8.74
N ILE E 8 36.55 -15.54 9.22
CA ILE E 8 35.75 -14.34 9.53
C ILE E 8 34.96 -14.54 10.83
N THR E 9 34.16 -13.53 11.20
CA THR E 9 33.39 -13.59 12.44
C THR E 9 31.90 -13.36 12.20
N ILE E 10 31.12 -14.44 12.11
CA ILE E 10 29.68 -14.29 11.88
C ILE E 10 28.92 -14.21 13.18
N ALA E 11 27.91 -13.36 13.20
CA ALA E 11 27.00 -13.26 14.32
C ALA E 11 25.70 -13.97 13.95
N ILE E 12 25.32 -14.97 14.75
CA ILE E 12 24.06 -15.67 14.54
C ILE E 12 23.02 -15.10 15.53
N GLU E 13 21.74 -15.14 15.17
CA GLU E 13 20.71 -14.60 16.07
C GLU E 13 19.38 -15.36 16.09
N LYS E 14 18.75 -15.36 17.26
CA LYS E 14 17.35 -15.78 17.38
C LYS E 14 16.56 -14.63 18.02
N GLU E 15 15.68 -14.07 17.20
CA GLU E 15 14.96 -12.82 17.48
C GLU E 15 14.41 -12.69 18.90
N GLU E 16 13.86 -13.78 19.40
CA GLU E 16 13.14 -13.82 20.68
C GLU E 16 13.97 -13.57 21.93
N CYS E 17 15.28 -13.37 21.76
CA CYS E 17 16.19 -13.31 22.91
C CYS E 17 16.99 -12.02 23.09
N ARG E 18 17.01 -11.17 22.07
CA ARG E 18 17.67 -9.86 22.15
C ARG E 18 19.19 -9.92 22.16
N PHE E 19 19.77 -10.93 21.52
CA PHE E 19 21.23 -11.03 21.41
C PHE E 19 21.75 -11.85 20.22
N CYS E 20 23.00 -11.59 19.84
CA CYS E 20 23.72 -12.43 18.87
C CYS E 20 25.07 -12.89 19.45
N ILE E 21 25.45 -14.11 19.06
CA ILE E 21 26.71 -14.70 19.46
C ILE E 21 27.70 -14.68 18.30
N SER E 22 28.92 -14.24 18.59
CA SER E 22 29.99 -14.29 17.61
C SER E 22 30.35 -15.75 17.37
N ILE E 23 30.64 -16.10 16.12
CA ILE E 23 31.17 -17.42 15.75
C ILE E 23 32.37 -17.23 14.82
N ASN E 24 33.26 -18.22 14.79
CA ASN E 24 34.40 -18.23 13.86
C ASN E 24 34.27 -19.32 12.77
N THR E 25 34.44 -18.89 11.52
CA THR E 25 34.23 -19.73 10.34
C THR E 25 35.07 -19.24 9.17
N THR E 26 35.30 -20.14 8.21
CA THR E 26 36.10 -19.85 7.01
C THR E 26 35.23 -19.57 5.76
N TRP E 27 35.57 -18.48 5.08
CA TRP E 27 34.81 -17.96 3.93
C TRP E 27 35.65 -17.21 2.92
N CYS E 28 35.03 -16.86 1.79
CA CYS E 28 35.70 -16.14 0.70
C CYS E 28 35.92 -14.66 0.99
N ALA E 29 37.07 -14.15 0.54
CA ALA E 29 37.38 -12.72 0.55
C ALA E 29 38.71 -12.55 -0.17
N GLY E 30 38.86 -11.44 -0.88
CA GLY E 30 40.06 -11.21 -1.68
C GLY E 30 39.75 -10.58 -3.03
N TYR E 31 40.71 -10.64 -3.94
CA TYR E 31 40.61 -9.91 -5.21
C TYR E 31 40.36 -10.78 -6.43
N CYS E 32 39.65 -10.22 -7.41
CA CYS E 32 39.39 -10.90 -8.69
C CYS E 32 39.64 -9.96 -9.87
N TYR E 33 39.99 -10.51 -11.03
CA TYR E 33 40.27 -9.72 -12.23
C TYR E 33 39.04 -9.49 -13.11
N THR E 34 38.79 -8.23 -13.48
CA THR E 34 37.69 -7.90 -14.38
C THR E 34 38.10 -6.78 -15.33
N ARG E 35 37.56 -6.80 -16.54
CA ARG E 35 37.81 -5.72 -17.49
C ARG E 35 36.50 -5.15 -18.01
N ASP E 36 36.49 -3.86 -18.29
CA ASP E 36 35.31 -3.21 -18.86
C ASP E 36 35.56 -3.12 -20.33
N LEU E 37 34.71 -3.74 -21.13
CA LEU E 37 34.94 -3.75 -22.56
C LEU E 37 34.74 -2.38 -23.17
N VAL E 38 35.67 -2.05 -24.06
CA VAL E 38 35.69 -0.78 -24.73
C VAL E 38 34.69 -0.79 -25.88
N TYR E 39 34.33 -1.99 -26.29
CA TYR E 39 33.38 -2.22 -27.35
C TYR E 39 32.49 -3.35 -26.92
N LYS E 40 31.23 -3.05 -26.61
CA LYS E 40 30.33 -4.14 -26.32
C LYS E 40 29.64 -4.62 -27.58
N ASP E 41 29.91 -5.87 -27.93
CA ASP E 41 29.26 -6.54 -29.03
C ASP E 41 28.08 -7.32 -28.45
N PRO E 42 26.85 -6.89 -28.78
CA PRO E 42 25.63 -7.52 -28.32
C PRO E 42 25.68 -9.04 -28.33
N ALA E 43 26.13 -9.61 -29.46
CA ALA E 43 26.20 -11.05 -29.68
C ALA E 43 27.29 -11.76 -28.84
N ARG E 44 28.21 -11.00 -28.27
CA ARG E 44 29.24 -11.53 -27.39
C ARG E 44 29.00 -10.98 -25.98
N PRO E 45 28.21 -11.72 -25.19
CA PRO E 45 27.81 -11.29 -23.84
C PRO E 45 28.97 -11.14 -22.86
N LYS E 46 28.93 -10.05 -22.10
CA LYS E 46 29.95 -9.67 -21.13
C LYS E 46 29.83 -10.44 -19.80
N ILE E 47 30.96 -10.78 -19.18
CA ILE E 47 30.94 -11.47 -17.87
C ILE E 47 31.91 -10.84 -16.86
N GLN E 48 31.52 -10.76 -15.59
CA GLN E 48 32.39 -10.25 -14.54
C GLN E 48 32.44 -11.22 -13.37
N LYS E 49 33.63 -11.48 -12.84
CA LYS E 49 33.81 -12.42 -11.74
C LYS E 49 33.97 -11.80 -10.36
N THR E 50 33.57 -12.56 -9.34
CA THR E 50 33.54 -12.11 -7.96
C THR E 50 34.21 -13.16 -7.10
N CYS E 51 34.72 -12.77 -5.94
CA CYS E 51 35.16 -13.76 -4.96
C CYS E 51 33.94 -14.40 -4.30
N THR E 52 33.81 -15.71 -4.46
CA THR E 52 32.69 -16.48 -3.92
C THR E 52 33.07 -17.97 -3.80
N PHE E 53 32.17 -18.74 -3.17
CA PHE E 53 32.40 -20.17 -2.97
C PHE E 53 32.19 -21.04 -4.20
N LYS E 54 33.01 -22.09 -4.34
CA LYS E 54 32.76 -23.11 -5.37
C LYS E 54 31.98 -24.28 -4.77
N GLU E 55 32.33 -24.67 -3.53
CA GLU E 55 31.62 -25.75 -2.80
C GLU E 55 31.26 -25.35 -1.36
N LEU E 56 30.12 -25.87 -0.89
CA LEU E 56 29.58 -25.56 0.44
C LEU E 56 29.13 -26.79 1.24
N VAL E 57 29.37 -26.74 2.54
CA VAL E 57 28.86 -27.75 3.46
C VAL E 57 28.12 -27.09 4.63
N TYR E 58 27.29 -27.87 5.32
CA TYR E 58 26.47 -27.36 6.42
C TYR E 58 26.90 -27.82 7.83
N GLU E 59 27.23 -26.85 8.68
CA GLU E 59 27.60 -27.09 10.07
C GLU E 59 26.49 -26.53 10.98
N THR E 60 26.28 -27.18 12.13
CA THR E 60 25.28 -26.74 13.10
C THR E 60 25.95 -26.30 14.40
N VAL E 61 25.31 -25.39 15.12
CA VAL E 61 25.85 -24.83 16.36
C VAL E 61 24.78 -24.65 17.44
N ARG E 62 25.23 -24.42 18.68
CA ARG E 62 24.35 -24.24 19.82
C ARG E 62 23.69 -22.85 19.86
N VAL E 63 22.37 -22.83 19.68
CA VAL E 63 21.59 -21.60 19.81
C VAL E 63 20.80 -21.70 21.11
N PRO E 64 21.39 -21.18 22.20
CA PRO E 64 20.84 -21.38 23.56
C PRO E 64 19.47 -20.75 23.78
N GLY E 65 18.82 -21.16 24.88
CA GLY E 65 17.53 -20.58 25.28
C GLY E 65 17.78 -19.38 26.20
N CYS E 66 16.71 -18.67 26.57
CA CYS E 66 16.84 -17.49 27.41
C CYS E 66 15.72 -17.33 28.45
N ALA E 67 15.00 -16.20 28.36
CA ALA E 67 13.96 -15.85 29.33
C ALA E 67 12.89 -16.92 29.52
N HIS E 68 12.05 -17.11 28.50
CA HIS E 68 10.98 -18.11 28.55
C HIS E 68 10.87 -18.88 27.22
N HIS E 69 11.96 -18.89 26.44
CA HIS E 69 11.96 -19.48 25.10
C HIS E 69 12.92 -20.67 24.96
N ALA E 70 12.49 -21.66 24.19
CA ALA E 70 13.24 -22.90 23.98
C ALA E 70 14.46 -22.71 23.07
N ASP E 71 15.49 -23.53 23.29
CA ASP E 71 16.71 -23.50 22.48
C ASP E 71 16.49 -24.26 21.17
N SER E 72 17.04 -23.73 20.09
CA SER E 72 16.87 -24.32 18.77
C SER E 72 18.21 -24.54 18.06
N LEU E 73 18.18 -25.25 16.93
CA LEU E 73 19.38 -25.51 16.14
C LEU E 73 19.40 -24.74 14.81
N TYR E 74 20.52 -24.07 14.55
CA TYR E 74 20.67 -23.30 13.33
C TYR E 74 21.86 -23.75 12.50
N THR E 75 21.55 -24.15 11.26
CA THR E 75 22.56 -24.58 10.30
C THR E 75 23.11 -23.39 9.51
N TYR E 76 24.43 -23.20 9.59
CA TYR E 76 25.10 -22.14 8.85
C TYR E 76 26.09 -22.74 7.85
N PRO E 77 26.04 -22.30 6.58
CA PRO E 77 26.95 -22.80 5.55
C PRO E 77 28.41 -22.37 5.73
N VAL E 78 29.33 -23.28 5.41
CA VAL E 78 30.77 -23.03 5.47
C VAL E 78 31.39 -23.23 4.07
N ALA E 79 32.27 -22.31 3.69
CA ALA E 79 32.92 -22.37 2.38
C ALA E 79 34.00 -23.43 2.35
N THR E 80 33.86 -24.38 1.43
CA THR E 80 34.88 -25.42 1.24
C THR E 80 35.92 -24.96 0.22
N GLN E 81 35.46 -24.33 -0.86
CA GLN E 81 36.32 -23.86 -1.93
C GLN E 81 35.95 -22.45 -2.40
N CYS E 82 36.96 -21.63 -2.66
CA CYS E 82 36.75 -20.25 -3.07
C CYS E 82 37.49 -19.88 -4.34
N HIS E 83 36.71 -19.60 -5.39
CA HIS E 83 37.28 -19.19 -6.68
C HIS E 83 36.76 -17.82 -7.11
N CYS E 84 37.27 -17.37 -8.24
CA CYS E 84 36.72 -16.21 -8.92
C CYS E 84 35.74 -16.75 -9.91
N GLY E 85 34.46 -16.53 -9.62
CA GLY E 85 33.39 -16.99 -10.46
C GLY E 85 32.16 -16.15 -10.24
N LYS E 86 31.09 -16.52 -10.92
CA LYS E 86 29.83 -15.80 -10.87
C LYS E 86 29.12 -16.12 -9.58
N CYS E 87 28.68 -15.11 -8.84
CA CYS E 87 27.87 -15.40 -7.65
C CYS E 87 26.62 -16.18 -8.14
N ASP E 88 26.31 -17.26 -7.42
CA ASP E 88 25.21 -18.12 -7.79
C ASP E 88 23.91 -17.54 -7.22
N SER E 89 23.17 -16.77 -8.03
CA SER E 89 21.96 -16.11 -7.51
C SER E 89 20.85 -17.05 -6.99
N ASP E 90 20.93 -18.33 -7.34
CA ASP E 90 19.99 -19.33 -6.82
C ASP E 90 20.12 -19.48 -5.30
N SER E 91 21.29 -19.14 -4.77
CA SER E 91 21.58 -19.27 -3.34
C SER E 91 22.26 -18.02 -2.77
N THR E 92 22.67 -17.12 -3.66
CA THR E 92 23.44 -15.95 -3.29
C THR E 92 22.65 -14.64 -3.49
N ASP E 93 22.86 -13.72 -2.57
CA ASP E 93 22.30 -12.38 -2.64
C ASP E 93 23.45 -11.47 -3.06
N CYS E 94 23.45 -11.12 -4.35
CA CYS E 94 24.52 -10.39 -4.97
C CYS E 94 24.31 -8.90 -4.76
N THR E 95 25.23 -8.27 -4.06
CA THR E 95 25.11 -6.85 -3.71
C THR E 95 26.42 -6.14 -3.86
N VAL E 96 26.36 -4.81 -3.81
CA VAL E 96 27.56 -3.98 -3.77
C VAL E 96 27.99 -3.94 -2.32
N ARG E 97 26.98 -3.86 -1.45
CA ARG E 97 27.22 -3.81 -0.03
C ARG E 97 26.10 -4.52 0.66
N GLY E 98 26.46 -5.38 1.60
CA GLY E 98 25.48 -6.05 2.44
C GLY E 98 25.55 -5.48 3.84
N LEU E 99 24.91 -6.16 4.78
CA LEU E 99 24.82 -5.67 6.14
C LEU E 99 26.07 -5.86 7.00
N GLY E 100 27.03 -6.63 6.50
CA GLY E 100 28.23 -6.96 7.25
C GLY E 100 28.16 -8.41 7.71
N PRO E 101 29.30 -9.02 8.03
CA PRO E 101 29.33 -10.42 8.43
C PRO E 101 28.95 -10.58 9.90
N SER E 102 29.43 -9.67 10.72
CA SER E 102 29.15 -9.65 12.14
C SER E 102 28.13 -8.53 12.40
N TYR E 103 26.95 -8.68 11.82
CA TYR E 103 25.88 -7.72 12.06
C TYR E 103 24.91 -8.23 13.13
N CYS E 104 24.76 -7.41 14.17
CA CYS E 104 23.87 -7.73 15.27
C CYS E 104 22.81 -6.65 15.42
N SER E 105 21.55 -7.04 15.25
CA SER E 105 20.43 -6.10 15.32
C SER E 105 20.24 -5.47 16.70
N PHE E 106 21.04 -5.91 17.67
CA PHE E 106 20.93 -5.40 19.03
C PHE E 106 22.22 -4.73 19.46
N GLY E 107 22.09 -3.47 19.92
CA GLY E 107 23.23 -2.72 20.43
C GLY E 107 23.87 -1.80 19.40
N CYS F 2 31.48 16.26 5.05
CA CYS F 2 30.00 16.44 5.00
C CYS F 2 29.33 15.94 6.27
N HIS F 3 28.21 16.56 6.62
CA HIS F 3 27.44 16.16 7.79
C HIS F 3 25.95 16.43 7.61
N HIS F 4 25.14 15.44 8.00
CA HIS F 4 23.69 15.55 7.93
C HIS F 4 23.05 15.22 9.27
N ARG F 5 21.94 15.88 9.60
CA ARG F 5 21.27 15.63 10.87
C ARG F 5 21.05 14.15 11.15
N ILE F 6 20.58 13.42 10.15
CA ILE F 6 20.22 12.03 10.32
C ILE F 6 21.06 11.06 9.49
N CYS F 7 21.45 11.47 8.28
CA CYS F 7 22.24 10.61 7.37
C CYS F 7 23.74 10.74 7.56
N HIS F 8 24.45 9.64 7.34
CA HIS F 8 25.90 9.64 7.40
C HIS F 8 26.37 9.98 6.01
N CYS F 9 26.96 11.16 5.82
CA CYS F 9 27.46 11.49 4.50
C CYS F 9 28.96 11.66 4.43
N SER F 10 29.51 11.25 3.29
CA SER F 10 30.91 11.40 3.00
C SER F 10 31.02 12.38 1.82
N ASN F 11 31.76 11.98 0.80
CA ASN F 11 31.93 12.81 -0.38
C ASN F 11 30.64 12.89 -1.19
N ARG F 12 29.78 13.85 -0.86
CA ARG F 12 28.48 14.06 -1.54
C ARG F 12 27.59 12.80 -1.76
N VAL F 13 27.85 11.79 -0.95
CA VAL F 13 27.14 10.52 -0.99
C VAL F 13 26.51 10.34 0.37
N PHE F 14 25.18 10.31 0.42
CA PHE F 14 24.46 10.17 1.70
C PHE F 14 23.96 8.77 1.93
N LEU F 15 24.21 8.25 3.14
CA LEU F 15 23.73 6.94 3.54
C LEU F 15 22.79 7.05 4.72
N CYS F 16 21.48 6.91 4.49
CA CYS F 16 20.49 6.99 5.57
C CYS F 16 20.10 5.62 6.02
N GLN F 17 20.78 5.12 7.04
CA GLN F 17 20.59 3.75 7.48
C GLN F 17 20.01 3.68 8.88
N GLU F 18 19.18 2.67 9.13
CA GLU F 18 18.64 2.41 10.46
C GLU F 18 17.87 3.63 10.90
N SER F 19 16.70 3.87 10.31
CA SER F 19 16.09 5.17 10.49
C SER F 19 15.25 5.43 11.74
N LYS F 20 15.31 6.70 12.13
CA LYS F 20 14.40 7.31 13.06
C LYS F 20 13.35 7.99 12.18
N VAL F 21 13.37 7.64 10.89
CA VAL F 21 12.50 8.25 9.88
C VAL F 21 11.24 7.44 9.56
N THR F 22 10.46 8.01 8.67
CA THR F 22 9.26 7.41 8.12
C THR F 22 9.18 7.93 6.69
N GLU F 23 9.97 8.97 6.43
CA GLU F 23 9.92 9.72 5.19
C GLU F 23 11.35 10.10 4.78
N ILE F 24 11.50 10.39 3.50
CA ILE F 24 12.75 10.84 2.92
C ILE F 24 12.96 12.31 3.28
N PRO F 25 13.99 12.55 4.10
CA PRO F 25 14.33 13.90 4.56
C PRO F 25 14.40 14.95 3.43
N SER F 26 13.74 16.08 3.63
CA SER F 26 13.71 17.15 2.64
C SER F 26 14.93 18.06 2.76
N ASP F 27 15.63 17.94 3.88
CA ASP F 27 16.83 18.73 4.14
C ASP F 27 18.09 18.09 3.53
N LEU F 28 17.88 17.19 2.57
CA LEU F 28 18.99 16.57 1.85
C LEU F 28 19.44 17.57 0.79
N PRO F 29 20.76 17.77 0.68
CA PRO F 29 21.33 18.77 -0.22
C PRO F 29 20.81 18.55 -1.62
N ARG F 30 20.73 19.60 -2.42
CA ARG F 30 20.20 19.41 -3.76
C ARG F 30 21.32 19.14 -4.75
N ASN F 31 22.55 19.01 -4.23
CA ASN F 31 23.75 18.77 -5.03
C ASN F 31 24.30 17.37 -4.79
N ALA F 32 23.47 16.50 -4.21
CA ALA F 32 23.88 15.12 -3.93
C ALA F 32 24.17 14.35 -5.20
N ILE F 33 25.02 13.32 -5.06
CA ILE F 33 25.37 12.46 -6.19
C ILE F 33 24.86 11.02 -6.04
N GLU F 34 24.81 10.54 -4.79
CA GLU F 34 24.32 9.20 -4.47
C GLU F 34 23.48 9.21 -3.21
N LEU F 35 22.25 8.68 -3.28
CA LEU F 35 21.39 8.55 -2.10
C LEU F 35 21.18 7.08 -1.77
N ARG F 36 21.46 6.72 -0.52
CA ARG F 36 21.35 5.33 -0.07
C ARG F 36 20.44 5.21 1.14
N PHE F 37 19.35 4.48 0.99
CA PHE F 37 18.43 4.23 2.11
C PHE F 37 18.46 2.75 2.42
N VAL F 38 19.04 2.42 3.57
CA VAL F 38 19.24 1.04 4.00
C VAL F 38 18.66 0.85 5.38
N LEU F 39 18.05 -0.31 5.64
CA LEU F 39 17.44 -0.62 6.94
C LEU F 39 16.62 0.53 7.51
N THR F 40 15.96 1.25 6.61
CA THR F 40 15.16 2.39 6.98
C THR F 40 13.80 1.94 7.47
N LYS F 41 13.07 2.83 8.11
CA LYS F 41 11.72 2.48 8.50
C LYS F 41 10.74 3.13 7.52
N LEU F 42 11.24 3.47 6.32
CA LEU F 42 10.44 4.15 5.30
C LEU F 42 9.23 3.33 4.94
N ARG F 43 8.08 3.98 4.87
CA ARG F 43 6.84 3.30 4.57
C ARG F 43 6.34 3.70 3.18
N VAL F 44 6.48 4.99 2.85
CA VAL F 44 6.05 5.48 1.56
C VAL F 44 7.10 6.38 0.97
N ILE F 45 7.47 6.15 -0.28
CA ILE F 45 8.34 7.11 -0.96
C ILE F 45 7.50 8.13 -1.72
N GLN F 46 7.20 9.21 -1.00
CA GLN F 46 6.30 10.29 -1.40
C GLN F 46 6.62 10.86 -2.77
N LYS F 47 5.63 11.45 -3.42
CA LYS F 47 5.85 12.13 -4.70
C LYS F 47 6.76 13.35 -4.53
N GLY F 48 7.60 13.59 -5.53
CA GLY F 48 8.53 14.72 -5.54
C GLY F 48 9.66 14.62 -4.52
N ALA F 49 9.90 13.41 -4.02
CA ALA F 49 10.95 13.20 -3.05
C ALA F 49 12.29 13.69 -3.58
N PHE F 50 12.56 13.41 -4.85
CA PHE F 50 13.85 13.70 -5.46
C PHE F 50 13.77 14.78 -6.53
N SER F 51 12.69 15.55 -6.51
CA SER F 51 12.52 16.63 -7.48
C SER F 51 13.62 17.68 -7.33
N GLY F 52 14.30 17.95 -8.45
CA GLY F 52 15.31 19.00 -8.50
C GLY F 52 16.75 18.56 -8.34
N PHE F 53 16.98 17.28 -8.04
CA PHE F 53 18.34 16.80 -7.86
C PHE F 53 18.99 16.68 -9.24
N GLY F 54 19.50 17.80 -9.73
CA GLY F 54 20.17 17.84 -11.02
C GLY F 54 21.51 17.14 -11.03
N ASP F 55 22.01 16.70 -9.87
CA ASP F 55 23.35 16.10 -9.81
C ASP F 55 23.39 14.65 -9.33
N LEU F 56 22.24 14.16 -8.91
CA LEU F 56 22.10 12.81 -8.40
C LEU F 56 22.36 11.81 -9.52
N GLU F 57 23.18 10.80 -9.20
CA GLU F 57 23.59 9.79 -10.17
C GLU F 57 23.09 8.37 -9.84
N LYS F 58 22.97 8.08 -8.56
CA LYS F 58 22.64 6.75 -8.09
C LYS F 58 21.69 6.85 -6.94
N ILE F 59 20.60 6.08 -6.98
CA ILE F 59 19.70 5.95 -5.85
C ILE F 59 19.62 4.48 -5.46
N GLU F 60 20.12 4.15 -4.28
CA GLU F 60 20.00 2.78 -3.79
C GLU F 60 18.98 2.78 -2.65
N ILE F 61 18.00 1.90 -2.79
CA ILE F 61 16.95 1.72 -1.78
C ILE F 61 17.03 0.24 -1.48
N SER F 62 17.64 -0.08 -0.34
CA SER F 62 18.03 -1.45 -0.05
C SER F 62 17.68 -1.88 1.35
N GLN F 63 17.10 -3.08 1.44
CA GLN F 63 16.71 -3.72 2.71
C GLN F 63 15.79 -2.84 3.59
N ASN F 64 14.56 -2.62 3.13
CA ASN F 64 13.58 -1.81 3.87
C ASN F 64 12.28 -2.59 4.08
N ASP F 65 12.10 -3.03 5.32
CA ASP F 65 10.99 -3.89 5.73
C ASP F 65 9.59 -3.38 5.50
N VAL F 66 9.40 -2.07 5.59
CA VAL F 66 8.06 -1.58 5.61
C VAL F 66 7.74 -0.58 4.52
N LEU F 67 8.59 -0.58 3.49
CA LEU F 67 8.37 0.25 2.32
C LEU F 67 7.25 -0.41 1.50
N GLU F 68 6.15 0.29 1.28
CA GLU F 68 4.97 -0.29 0.65
C GLU F 68 4.45 0.45 -0.59
N VAL F 69 4.92 1.68 -0.79
CA VAL F 69 4.41 2.51 -1.86
C VAL F 69 5.47 3.44 -2.44
N ILE F 70 5.61 3.43 -3.76
CA ILE F 70 6.35 4.48 -4.43
C ILE F 70 5.35 5.27 -5.26
N GLU F 71 5.16 6.53 -4.87
CA GLU F 71 4.19 7.38 -5.52
C GLU F 71 4.66 7.80 -6.89
N ALA F 72 3.81 8.53 -7.61
CA ALA F 72 4.15 9.10 -8.90
C ALA F 72 5.20 10.21 -8.80
N ASP F 73 5.94 10.41 -9.88
CA ASP F 73 6.97 11.45 -9.96
C ASP F 73 8.02 11.39 -8.84
N VAL F 74 8.52 10.18 -8.55
CA VAL F 74 9.62 10.01 -7.60
C VAL F 74 10.93 10.03 -8.38
N PHE F 75 10.98 9.25 -9.45
CA PHE F 75 12.12 9.21 -10.34
C PHE F 75 11.73 9.96 -11.61
N SER F 76 11.64 11.28 -11.46
CA SER F 76 11.20 12.15 -12.55
C SER F 76 12.13 13.34 -12.74
N ASN F 77 12.45 13.64 -14.00
CA ASN F 77 13.29 14.77 -14.39
C ASN F 77 14.58 14.91 -13.54
N LEU F 78 15.45 13.93 -13.69
CA LEU F 78 16.72 13.88 -12.96
C LEU F 78 17.80 13.60 -14.00
N PRO F 79 18.27 14.65 -14.67
CA PRO F 79 19.11 14.49 -15.87
C PRO F 79 20.44 13.76 -15.71
N LYS F 80 20.86 13.54 -14.49
CA LYS F 80 22.14 12.90 -14.28
C LYS F 80 22.06 11.52 -13.64
N LEU F 81 20.85 11.07 -13.34
CA LEU F 81 20.64 9.75 -12.75
C LEU F 81 21.01 8.64 -13.75
N HIS F 82 21.90 7.75 -13.31
CA HIS F 82 22.35 6.61 -14.12
C HIS F 82 21.86 5.27 -13.57
N GLU F 83 21.69 5.18 -12.25
CA GLU F 83 21.39 3.92 -11.59
C GLU F 83 20.25 4.03 -10.56
N ILE F 84 19.27 3.14 -10.66
CA ILE F 84 18.24 3.04 -9.63
C ILE F 84 18.27 1.62 -9.15
N ARG F 85 18.38 1.43 -7.82
CA ARG F 85 18.47 0.07 -7.31
C ARG F 85 17.49 -0.11 -6.17
N ILE F 86 16.48 -0.95 -6.39
CA ILE F 86 15.51 -1.25 -5.35
C ILE F 86 15.64 -2.71 -5.00
N GLU F 87 16.08 -2.96 -3.77
CA GLU F 87 16.41 -4.32 -3.34
C GLU F 87 15.83 -4.68 -1.99
N LYS F 88 15.23 -5.85 -1.91
CA LYS F 88 14.79 -6.39 -0.64
C LYS F 88 13.77 -5.47 0.01
N ALA F 89 12.76 -5.13 -0.78
CA ALA F 89 11.59 -4.45 -0.27
C ALA F 89 10.54 -5.57 -0.14
N ASN F 90 10.75 -6.34 0.89
CA ASN F 90 9.92 -7.43 1.35
C ASN F 90 8.41 -7.13 1.28
N ASN F 91 7.99 -5.91 1.64
CA ASN F 91 6.58 -5.53 1.63
C ASN F 91 6.22 -4.45 0.64
N LEU F 92 7.11 -4.21 -0.33
CA LEU F 92 6.81 -3.20 -1.33
C LEU F 92 5.82 -3.83 -2.25
N LEU F 93 4.60 -3.34 -2.22
CA LEU F 93 3.63 -3.93 -3.11
C LEU F 93 3.01 -2.98 -4.15
N TYR F 94 3.41 -1.71 -4.15
CA TYR F 94 2.84 -0.77 -5.12
C TYR F 94 3.78 0.29 -5.65
N ILE F 95 4.11 0.19 -6.94
CA ILE F 95 4.85 1.27 -7.60
C ILE F 95 3.90 1.96 -8.58
N ASN F 96 3.56 3.21 -8.27
CA ASN F 96 2.68 3.99 -9.11
C ASN F 96 3.21 4.07 -10.55
N PRO F 97 2.35 3.82 -11.53
CA PRO F 97 2.73 3.83 -12.94
C PRO F 97 3.40 5.10 -13.43
N GLU F 98 3.38 6.16 -12.62
CA GLU F 98 4.00 7.40 -13.04
C GLU F 98 5.22 7.68 -12.19
N ALA F 99 5.80 6.62 -11.64
CA ALA F 99 6.97 6.75 -10.76
C ALA F 99 8.22 7.12 -11.57
N PHE F 100 8.30 6.64 -12.80
CA PHE F 100 9.47 6.88 -13.62
C PHE F 100 9.13 7.78 -14.83
N GLN F 101 9.83 8.91 -14.93
CA GLN F 101 9.65 9.84 -16.06
C GLN F 101 10.92 10.58 -16.45
N ASN F 102 11.20 10.62 -17.74
CA ASN F 102 12.27 11.45 -18.26
C ASN F 102 13.59 11.38 -17.48
N LEU F 103 14.28 10.27 -17.66
CA LEU F 103 15.62 10.04 -17.14
C LEU F 103 16.51 9.76 -18.36
N PRO F 104 16.99 10.84 -18.99
CA PRO F 104 17.78 10.71 -20.21
C PRO F 104 19.09 9.91 -20.05
N ASN F 105 19.59 9.78 -18.82
CA ASN F 105 20.85 9.09 -18.57
C ASN F 105 20.77 7.78 -17.79
N LEU F 106 19.56 7.26 -17.60
CA LEU F 106 19.38 6.04 -16.81
C LEU F 106 19.98 4.89 -17.59
N GLN F 107 20.88 4.15 -16.93
CA GLN F 107 21.57 3.04 -17.58
C GLN F 107 21.18 1.74 -16.94
N TYR F 108 20.92 1.81 -15.63
CA TYR F 108 20.66 0.61 -14.87
C TYR F 108 19.51 0.75 -13.91
N LEU F 109 18.49 -0.08 -14.11
CA LEU F 109 17.32 -0.06 -13.25
C LEU F 109 17.11 -1.44 -12.68
N LEU F 110 17.43 -1.61 -11.39
CA LEU F 110 17.32 -2.90 -10.75
C LEU F 110 16.17 -2.93 -9.77
N ILE F 111 15.38 -4.01 -9.79
CA ILE F 111 14.31 -4.21 -8.79
C ILE F 111 14.29 -5.69 -8.36
N SER F 112 14.88 -5.99 -7.20
CA SER F 112 15.00 -7.37 -6.72
C SER F 112 14.30 -7.59 -5.40
N ASN F 113 13.76 -8.79 -5.21
CA ASN F 113 13.19 -9.22 -3.93
C ASN F 113 12.09 -8.33 -3.38
N THR F 114 11.04 -8.20 -4.17
CA THR F 114 9.95 -7.29 -3.87
C THR F 114 8.59 -7.93 -4.01
N GLY F 115 7.58 -7.31 -3.42
CA GLY F 115 6.25 -7.84 -3.51
C GLY F 115 5.45 -7.28 -4.66
N ILE F 116 6.06 -6.49 -5.55
CA ILE F 116 5.30 -5.92 -6.68
C ILE F 116 4.61 -7.02 -7.46
N LYS F 117 3.43 -6.71 -7.97
CA LYS F 117 2.62 -7.72 -8.67
C LYS F 117 2.63 -7.44 -10.16
N HIS F 118 3.39 -6.41 -10.53
CA HIS F 118 3.47 -5.96 -11.89
C HIS F 118 4.83 -5.40 -12.22
N LEU F 119 5.21 -5.47 -13.49
CA LEU F 119 6.42 -4.83 -13.96
C LEU F 119 6.26 -3.32 -13.81
N PRO F 120 7.36 -2.61 -13.51
CA PRO F 120 7.34 -1.17 -13.42
C PRO F 120 6.91 -0.59 -14.77
N ASP F 121 6.26 0.56 -14.71
CA ASP F 121 5.83 1.24 -15.91
C ASP F 121 7.02 2.08 -16.37
N VAL F 122 7.62 1.68 -17.49
CA VAL F 122 8.88 2.28 -17.95
C VAL F 122 8.72 3.07 -19.23
N HIS F 123 7.51 3.15 -19.74
CA HIS F 123 7.28 3.75 -21.07
C HIS F 123 7.59 5.23 -21.21
N LYS F 124 7.71 5.96 -20.11
CA LYS F 124 8.04 7.37 -20.21
C LYS F 124 9.47 7.69 -19.79
N ILE F 125 10.30 6.67 -19.62
CA ILE F 125 11.63 6.92 -19.06
C ILE F 125 12.51 7.61 -20.07
N HIS F 126 12.44 7.13 -21.31
CA HIS F 126 13.04 7.83 -22.43
C HIS F 126 14.54 7.98 -22.27
N SER F 127 15.24 6.89 -22.01
CA SER F 127 16.67 6.99 -21.80
C SER F 127 17.36 7.12 -23.13
N LEU F 128 18.39 7.95 -23.17
CA LEU F 128 19.15 8.12 -24.38
C LEU F 128 20.24 7.06 -24.45
N GLN F 129 20.33 6.24 -23.41
CA GLN F 129 21.39 5.25 -23.32
C GLN F 129 20.86 3.85 -23.31
N LYS F 130 21.74 2.90 -23.62
CA LYS F 130 21.40 1.49 -23.46
C LYS F 130 21.02 1.27 -22.01
N VAL F 131 20.03 0.40 -21.79
CA VAL F 131 19.51 0.21 -20.46
C VAL F 131 19.46 -1.25 -20.07
N LEU F 132 20.01 -1.57 -18.91
CA LEU F 132 19.93 -2.91 -18.39
C LEU F 132 18.83 -2.84 -17.36
N LEU F 133 17.76 -3.56 -17.63
CA LEU F 133 16.60 -3.58 -16.74
C LEU F 133 16.62 -4.92 -16.05
N ASP F 134 16.88 -4.88 -14.75
CA ASP F 134 17.17 -6.10 -13.99
C ASP F 134 16.11 -6.31 -12.94
N ILE F 135 15.17 -7.20 -13.23
CA ILE F 135 14.04 -7.43 -12.34
C ILE F 135 14.00 -8.90 -11.96
N GLN F 136 14.44 -9.19 -10.73
CA GLN F 136 14.69 -10.54 -10.22
C GLN F 136 13.98 -10.81 -8.92
N ASP F 137 13.75 -12.09 -8.63
CA ASP F 137 13.17 -12.55 -7.37
C ASP F 137 11.90 -11.80 -6.98
N ASN F 138 11.08 -11.48 -7.97
CA ASN F 138 9.79 -10.90 -7.68
C ASN F 138 8.70 -11.93 -7.91
N ILE F 139 8.58 -12.83 -6.93
CA ILE F 139 7.73 -13.99 -6.98
C ILE F 139 6.26 -13.70 -7.32
N ASN F 140 5.81 -12.45 -7.18
CA ASN F 140 4.41 -12.09 -7.46
C ASN F 140 4.14 -11.51 -8.85
N ILE F 141 5.19 -11.28 -9.65
CA ILE F 141 4.97 -10.80 -11.01
C ILE F 141 4.60 -11.98 -11.90
N HIS F 142 3.34 -12.02 -12.36
CA HIS F 142 2.85 -13.15 -13.13
C HIS F 142 2.68 -12.89 -14.63
N THR F 143 2.50 -11.62 -15.01
CA THR F 143 2.17 -11.28 -16.38
C THR F 143 3.06 -10.21 -17.02
N ILE F 144 3.21 -10.31 -18.34
CA ILE F 144 3.83 -9.27 -19.16
C ILE F 144 2.82 -8.92 -20.25
N GLU F 145 2.56 -7.63 -20.43
CA GLU F 145 1.47 -7.20 -21.28
C GLU F 145 1.89 -6.45 -22.54
N ARG F 146 0.95 -6.23 -23.45
CA ARG F 146 1.19 -5.44 -24.66
C ARG F 146 2.04 -4.20 -24.32
N ASN F 147 3.15 -4.02 -25.03
CA ASN F 147 4.03 -2.85 -24.91
C ASN F 147 4.55 -2.61 -23.50
N SER F 148 5.29 -3.57 -22.96
CA SER F 148 5.81 -3.45 -21.59
C SER F 148 7.17 -2.75 -21.44
N PHE F 149 7.90 -2.62 -22.55
CA PHE F 149 9.25 -2.03 -22.51
C PHE F 149 9.47 -0.95 -23.57
N VAL F 150 8.41 -0.54 -24.26
CA VAL F 150 8.51 0.60 -25.13
C VAL F 150 8.80 1.79 -24.23
N GLY F 151 9.55 2.76 -24.77
CA GLY F 151 9.78 4.03 -24.10
C GLY F 151 10.80 3.99 -22.97
N LEU F 152 11.27 2.79 -22.62
CA LEU F 152 12.32 2.68 -21.64
C LEU F 152 13.59 3.36 -22.14
N SER F 153 13.94 3.11 -23.39
CA SER F 153 15.18 3.65 -23.94
C SER F 153 15.05 3.78 -25.44
N PHE F 154 15.81 4.70 -26.02
CA PHE F 154 15.80 4.87 -27.46
C PHE F 154 16.92 4.07 -28.14
N GLU F 155 17.62 3.28 -27.34
CA GLU F 155 18.69 2.44 -27.84
C GLU F 155 18.47 1.00 -27.44
N SER F 156 19.51 0.20 -27.52
CA SER F 156 19.47 -1.19 -27.10
C SER F 156 19.13 -1.29 -25.61
N VAL F 157 18.41 -2.35 -25.26
CA VAL F 157 17.99 -2.56 -23.90
C VAL F 157 18.23 -4.03 -23.52
N ILE F 158 18.63 -4.31 -22.28
CA ILE F 158 18.82 -5.69 -21.83
C ILE F 158 17.79 -6.04 -20.77
N LEU F 159 16.94 -7.02 -21.03
CA LEU F 159 15.92 -7.34 -20.05
C LEU F 159 16.25 -8.60 -19.28
N TRP F 160 16.35 -8.49 -17.96
CA TRP F 160 16.58 -9.65 -17.12
C TRP F 160 15.37 -9.88 -16.22
N LEU F 161 14.35 -10.51 -16.81
CA LEU F 161 13.12 -10.73 -16.10
C LEU F 161 13.15 -12.15 -15.57
N ASN F 162 14.31 -12.58 -15.10
CA ASN F 162 14.45 -13.94 -14.55
C ASN F 162 14.16 -14.06 -13.06
N LYS F 163 13.89 -15.30 -12.65
CA LYS F 163 13.59 -15.68 -11.27
C LYS F 163 12.39 -14.97 -10.67
N ASN F 164 11.44 -14.58 -11.49
CA ASN F 164 10.21 -13.98 -10.96
C ASN F 164 9.12 -15.05 -10.91
N GLY F 165 7.87 -14.67 -11.15
CA GLY F 165 6.76 -15.63 -11.13
C GLY F 165 5.94 -15.59 -12.41
N ILE F 166 6.60 -15.32 -13.53
CA ILE F 166 5.91 -15.11 -14.81
C ILE F 166 5.21 -16.37 -15.33
N GLN F 167 3.96 -16.20 -15.77
CA GLN F 167 3.15 -17.30 -16.29
C GLN F 167 2.59 -16.97 -17.68
N GLU F 168 2.45 -15.69 -18.00
CA GLU F 168 1.97 -15.31 -19.33
C GLU F 168 2.62 -14.06 -19.93
N ILE F 169 3.20 -14.24 -21.10
CA ILE F 169 3.77 -13.14 -21.86
C ILE F 169 2.84 -12.89 -23.02
N HIS F 170 2.10 -11.78 -22.97
CA HIS F 170 1.17 -11.43 -24.04
C HIS F 170 1.89 -11.06 -25.32
N ASN F 171 1.16 -11.10 -26.44
CA ASN F 171 1.69 -10.68 -27.74
C ASN F 171 1.99 -9.19 -27.73
N CYS F 172 3.06 -8.80 -28.41
CA CYS F 172 3.54 -7.43 -28.43
C CYS F 172 3.99 -6.99 -27.04
N ALA F 173 4.56 -7.91 -26.28
CA ALA F 173 5.14 -7.57 -24.99
C ALA F 173 6.35 -6.68 -25.22
N PHE F 174 7.17 -7.08 -26.18
CA PHE F 174 8.41 -6.39 -26.47
C PHE F 174 8.25 -5.52 -27.70
N ASN F 175 7.01 -5.19 -28.05
CA ASN F 175 6.75 -4.32 -29.19
C ASN F 175 7.53 -3.02 -29.10
N GLY F 176 8.11 -2.61 -30.22
CA GLY F 176 8.77 -1.33 -30.33
C GLY F 176 9.91 -1.18 -29.36
N THR F 177 10.73 -2.23 -29.25
CA THR F 177 11.81 -2.27 -28.31
C THR F 177 12.97 -2.96 -28.99
N GLN F 178 14.20 -2.51 -28.74
CA GLN F 178 15.41 -3.11 -29.33
C GLN F 178 16.06 -4.08 -28.35
N LEU F 179 15.68 -5.34 -28.47
CA LEU F 179 16.11 -6.38 -27.55
C LEU F 179 17.53 -6.81 -27.81
N ASP F 180 18.38 -6.63 -26.82
CA ASP F 180 19.73 -7.08 -26.93
C ASP F 180 19.79 -8.45 -26.33
N GLU F 181 19.12 -8.59 -25.21
CA GLU F 181 19.19 -9.81 -24.47
C GLU F 181 17.87 -9.92 -23.76
N LEU F 182 17.38 -11.13 -23.63
CA LEU F 182 16.20 -11.35 -22.82
C LEU F 182 16.39 -12.58 -21.95
N ASN F 183 16.20 -12.41 -20.66
CA ASN F 183 16.34 -13.51 -19.76
C ASN F 183 15.07 -13.80 -18.97
N LEU F 184 14.40 -14.87 -19.39
CA LEU F 184 13.17 -15.31 -18.77
C LEU F 184 13.44 -16.62 -18.06
N SER F 185 14.69 -16.85 -17.66
CA SER F 185 15.02 -18.13 -17.04
C SER F 185 14.47 -18.20 -15.62
N ASP F 186 14.41 -19.41 -15.10
CA ASP F 186 13.91 -19.68 -13.75
C ASP F 186 12.50 -19.19 -13.42
N ASN F 187 11.70 -18.91 -14.44
CA ASN F 187 10.27 -18.69 -14.26
C ASN F 187 9.54 -20.03 -14.48
N ASN F 188 9.47 -20.84 -13.44
CA ASN F 188 9.00 -22.23 -13.55
C ASN F 188 7.61 -22.50 -14.12
N ASN F 189 6.74 -21.51 -14.16
CA ASN F 189 5.39 -21.73 -14.72
C ASN F 189 5.15 -21.07 -16.07
N LEU F 190 6.20 -20.48 -16.61
CA LEU F 190 6.15 -19.95 -17.95
C LEU F 190 6.34 -21.14 -18.88
N GLU F 191 5.27 -21.52 -19.56
CA GLU F 191 5.35 -22.66 -20.46
C GLU F 191 4.99 -22.36 -21.90
N GLU F 192 4.42 -21.18 -22.12
CA GLU F 192 3.89 -20.84 -23.43
C GLU F 192 4.34 -19.46 -23.89
N LEU F 193 5.19 -19.44 -24.92
CA LEU F 193 5.52 -18.20 -25.60
C LEU F 193 4.67 -18.08 -26.87
N PRO F 194 3.70 -17.14 -26.87
CA PRO F 194 2.88 -16.85 -28.04
C PRO F 194 3.71 -16.51 -29.28
N ASN F 195 3.10 -16.64 -30.45
CA ASN F 195 3.79 -16.49 -31.73
C ASN F 195 4.31 -15.10 -32.03
N ASP F 196 3.54 -14.09 -31.67
CA ASP F 196 3.91 -12.73 -32.01
C ASP F 196 4.52 -11.98 -30.83
N VAL F 197 5.36 -12.67 -30.04
CA VAL F 197 5.98 -12.06 -28.85
C VAL F 197 7.00 -11.01 -29.21
N PHE F 198 7.62 -11.20 -30.36
CA PHE F 198 8.73 -10.35 -30.76
C PHE F 198 8.37 -9.38 -31.86
N HIS F 199 7.06 -9.22 -32.10
CA HIS F 199 6.58 -8.30 -33.10
C HIS F 199 6.94 -6.87 -32.73
N GLY F 200 7.42 -6.11 -33.71
CA GLY F 200 7.82 -4.73 -33.45
C GLY F 200 9.11 -4.64 -32.67
N ALA F 201 9.65 -5.78 -32.26
CA ALA F 201 10.90 -5.81 -31.53
C ALA F 201 12.03 -6.16 -32.48
N SER F 202 13.25 -5.74 -32.12
CA SER F 202 14.43 -6.15 -32.86
C SER F 202 14.95 -7.54 -32.42
N GLY F 203 14.09 -8.31 -31.76
CA GLY F 203 14.37 -9.70 -31.47
C GLY F 203 15.60 -9.88 -30.63
N PRO F 204 15.53 -10.78 -29.65
CA PRO F 204 16.64 -11.01 -28.73
C PRO F 204 17.85 -11.55 -29.47
N VAL F 205 18.98 -10.88 -29.38
CA VAL F 205 20.21 -11.44 -29.93
C VAL F 205 20.62 -12.66 -29.09
N ILE F 206 20.37 -12.57 -27.78
CA ILE F 206 20.63 -13.64 -26.82
C ILE F 206 19.37 -13.90 -26.03
N LEU F 207 18.90 -15.13 -26.08
CA LEU F 207 17.68 -15.48 -25.39
C LEU F 207 17.99 -16.56 -24.38
N ASP F 208 17.33 -16.49 -23.23
CA ASP F 208 17.58 -17.44 -22.16
C ASP F 208 16.25 -17.91 -21.52
N ILE F 209 15.85 -19.12 -21.88
CA ILE F 209 14.58 -19.66 -21.41
C ILE F 209 14.74 -20.83 -20.45
N SER F 210 15.94 -21.00 -19.90
CA SER F 210 16.26 -22.06 -18.94
C SER F 210 15.25 -22.26 -17.80
N ARG F 211 15.19 -23.47 -17.28
CA ARG F 211 14.25 -23.83 -16.21
C ARG F 211 12.86 -23.18 -16.30
N THR F 212 12.24 -23.24 -17.47
CA THR F 212 10.82 -22.97 -17.64
C THR F 212 10.17 -24.22 -18.26
N ARG F 213 8.93 -24.10 -18.70
CA ARG F 213 8.23 -25.20 -19.35
C ARG F 213 7.95 -24.84 -20.81
N ILE F 214 8.73 -23.89 -21.33
CA ILE F 214 8.67 -23.55 -22.74
C ILE F 214 9.44 -24.62 -23.51
N HIS F 215 8.81 -25.20 -24.52
CA HIS F 215 9.46 -26.26 -25.25
C HIS F 215 9.81 -25.89 -26.68
N SER F 216 9.32 -24.74 -27.14
CA SER F 216 9.59 -24.30 -28.49
C SER F 216 9.50 -22.79 -28.62
N LEU F 217 10.16 -22.26 -29.63
CA LEU F 217 10.19 -20.82 -29.85
C LEU F 217 9.49 -20.44 -31.14
N PRO F 218 8.76 -19.33 -31.12
CA PRO F 218 7.96 -18.89 -32.28
C PRO F 218 8.80 -18.77 -33.54
N SER F 219 8.13 -18.61 -34.69
CA SER F 219 8.82 -18.54 -35.96
C SER F 219 9.37 -17.16 -36.27
N TYR F 220 8.54 -16.14 -36.12
CA TYR F 220 8.98 -14.79 -36.38
C TYR F 220 9.79 -14.25 -35.21
N GLY F 221 10.85 -13.52 -35.53
CA GLY F 221 11.57 -12.73 -34.54
C GLY F 221 12.95 -13.20 -34.16
N LEU F 222 13.20 -14.49 -34.33
CA LEU F 222 14.50 -15.05 -33.95
C LEU F 222 15.49 -15.04 -35.11
N GLU F 223 15.34 -14.02 -35.95
CA GLU F 223 16.16 -13.81 -37.13
C GLU F 223 17.49 -13.16 -36.78
N ASN F 224 17.68 -12.82 -35.50
CA ASN F 224 18.91 -12.18 -35.06
C ASN F 224 19.57 -12.96 -33.94
N LEU F 225 18.88 -13.99 -33.47
CA LEU F 225 19.34 -14.81 -32.35
C LEU F 225 20.67 -15.49 -32.62
N LYS F 226 21.61 -15.28 -31.70
CA LYS F 226 22.93 -15.87 -31.80
C LYS F 226 23.18 -16.80 -30.62
N LYS F 227 22.37 -16.68 -29.58
CA LYS F 227 22.51 -17.54 -28.40
C LYS F 227 21.20 -17.90 -27.76
N LEU F 228 21.04 -19.20 -27.51
CA LEU F 228 19.90 -19.72 -26.82
C LEU F 228 20.35 -20.66 -25.73
N ARG F 229 19.82 -20.45 -24.53
CA ARG F 229 20.13 -21.31 -23.42
C ARG F 229 18.79 -21.92 -23.03
N ALA F 230 18.72 -23.24 -22.92
CA ALA F 230 17.44 -23.86 -22.59
C ALA F 230 17.50 -25.05 -21.64
N ARG F 231 18.51 -25.05 -20.77
CA ARG F 231 18.73 -26.19 -19.87
C ARG F 231 17.57 -26.46 -18.92
N SER F 232 17.40 -27.72 -18.54
CA SER F 232 16.36 -28.18 -17.62
C SER F 232 14.97 -27.60 -17.91
N THR F 233 14.39 -28.04 -19.01
CA THR F 233 13.08 -27.57 -19.45
C THR F 233 11.98 -28.56 -19.07
N TYR F 234 12.37 -29.78 -18.72
CA TYR F 234 11.41 -30.86 -18.42
C TYR F 234 11.63 -31.48 -17.02
#